data_1BBR
#
_entry.id   1BBR
#
_cell.length_a   83.020
_cell.length_b   89.410
_cell.length_c   99.300
_cell.angle_alpha   90.00
_cell.angle_beta   106.64
_cell.angle_gamma   90.00
#
_symmetry.space_group_name_H-M   'P 1 21 1'
#
loop_
_entity.id
_entity.type
_entity.pdbx_description
1 polymer EPSILON-THROMBIN
2 polymer EPSILON-THROMBIN
3 polymer EPSILON-THROMBIN
4 polymer 'FIBRINOGEN ALPHA/ALPHA-E CHAIN PRECURSOR'
5 polymer EPSILON-THROMBIN
6 water water
#
loop_
_entity_poly.entity_id
_entity_poly.type
_entity_poly.pdbx_seq_one_letter_code
_entity_poly.pdbx_strand_id
1 'polypeptide(L)' TSEDHFQPFFNEKTFGAGEADCGLRPLFEKKQVQDQTEKELFESYIEGR L,J,M
2 'polypeptide(L)'
;IVEGQDAEVGLSPWQVMLFRKSPQELLCGASLISDRWVLTAAHCLLYPPWDKNFTVDDLLVRIGKHSRTRYERKVEKISM
LDKIYIHPRYNWKENLDRDIALLKLKRPIELSDYIHPVCLPDKQTAAKLLHAGFKGRVTGWGNRRETWTT
;
H
3 'polypeptide(L)'
;SVAEVQPSVLQVVNLPLVERPVCKASTRIRITDNMFCAGYKPGEGKRGDACEGDSGGPFVMKSPYNNRWYQMGIVSWGEG
CDRDGKYGFYTHVFRLKKWIQKVIDRLGS
;
E
4 'polypeptide(L)' (ACE)DFLAEGGGVR F,G,I
5 'polypeptide(L)'
;IVEGQDAEVGLSPWQVMLFRKSPQELLCGASLISDRWVLTAAHCLLYPPWDKNFTVDDLLVRIGKHSRTRYERKVEKISM
LDKIYIHPRYNWKENLDRDIALLKLKRPIELSDYIHPVCLPDKQTAAKLLHAGFKGRVTGWGNRRETWTTSVAEVQPSVL
QVVNLPLVERPVCKASTRIRITDNMFCAGYKPGEGKRGDACEGDSGGPFVMKSPYNNRWYQMGIVSWGEGCDRDGKYGFY
THVFRLKKWIQKVIDRLGS
;
K,N
#
loop_
_chem_comp.id
_chem_comp.type
_chem_comp.name
_chem_comp.formula
ACE non-polymer 'ACETYL GROUP' 'C2 H4 O'
#
# COMPACT_ATOMS: atom_id res chain seq x y z
N THR A 14 -15.75 35.26 25.40
CA THR A 14 -15.93 33.98 24.73
C THR A 14 -16.96 34.09 23.59
N PHE A 15 -18.19 34.09 24.03
CA PHE A 15 -19.40 34.18 23.21
C PHE A 15 -19.41 35.37 22.25
N GLY A 16 -19.41 35.03 20.97
CA GLY A 16 -19.44 35.95 19.86
C GLY A 16 -18.15 36.64 19.49
N ALA A 17 -17.93 37.77 20.15
CA ALA A 17 -16.74 38.62 19.97
C ALA A 17 -16.07 38.92 21.32
N GLY A 18 -14.76 38.99 21.24
CA GLY A 18 -13.88 39.25 22.38
C GLY A 18 -13.28 40.64 22.36
N GLU A 19 -13.11 41.18 21.15
CA GLU A 19 -12.51 42.52 21.02
C GLU A 19 -13.53 43.57 20.69
N ALA A 20 -14.63 43.15 20.11
CA ALA A 20 -15.70 44.09 19.73
C ALA A 20 -15.51 44.30 18.23
N ASP A 21 -14.26 44.52 17.93
CA ASP A 21 -13.69 44.77 16.65
C ASP A 21 -13.17 43.62 15.79
N CYS A 22 -12.75 42.55 16.42
CA CYS A 22 -12.15 41.40 15.73
C CYS A 22 -13.01 40.86 14.59
N GLY A 23 -12.33 40.39 13.57
CA GLY A 23 -12.87 39.81 12.37
C GLY A 23 -13.58 40.79 11.46
N LEU A 24 -13.57 42.05 11.89
CA LEU A 24 -14.26 43.10 11.07
C LEU A 24 -13.18 43.84 10.34
N ARG A 25 -12.96 43.55 9.11
CA ARG A 25 -11.89 44.14 8.29
C ARG A 25 -12.09 45.59 7.97
N PRO A 26 -11.12 46.39 8.37
CA PRO A 26 -11.15 47.84 8.13
C PRO A 26 -11.58 48.20 6.72
N LEU A 27 -11.02 47.51 5.74
CA LEU A 27 -11.30 47.76 4.32
C LEU A 27 -12.56 47.15 3.74
N PHE A 28 -13.15 46.19 4.39
CA PHE A 28 -14.34 45.48 3.92
C PHE A 28 -15.56 45.67 4.77
N GLU A 29 -15.82 44.80 5.71
CA GLU A 29 -17.00 44.84 6.60
C GLU A 29 -17.22 46.19 7.26
N LYS A 30 -16.14 46.97 7.37
CA LYS A 30 -16.31 48.28 8.05
C LYS A 30 -16.64 49.31 6.99
N LYS A 31 -16.49 48.95 5.73
CA LYS A 31 -16.78 49.90 4.64
C LYS A 31 -17.94 49.43 3.77
N GLN A 32 -18.67 48.46 4.31
CA GLN A 32 -19.80 47.80 3.71
C GLN A 32 -19.46 47.29 2.33
N VAL A 33 -18.26 46.78 2.17
CA VAL A 33 -17.72 46.28 0.90
C VAL A 33 -17.35 44.81 1.01
N GLN A 34 -17.60 44.03 0.01
CA GLN A 34 -17.31 42.60 -0.03
C GLN A 34 -16.13 42.31 -0.99
N ASP A 35 -15.38 41.31 -0.62
CA ASP A 35 -14.25 40.87 -1.44
C ASP A 35 -14.77 39.97 -2.57
N GLN A 36 -13.91 39.89 -3.61
CA GLN A 36 -14.19 39.12 -4.82
C GLN A 36 -14.73 37.73 -4.57
N THR A 37 -14.14 36.93 -3.71
CA THR A 37 -14.61 35.54 -3.50
C THR A 37 -15.41 35.22 -2.30
N GLU A 38 -15.70 36.18 -1.46
CA GLU A 38 -16.52 35.91 -0.22
C GLU A 38 -17.84 35.25 -0.56
N LYS A 39 -18.45 35.59 -1.71
CA LYS A 39 -19.76 35.02 -2.11
C LYS A 39 -19.76 33.51 -2.19
N GLU A 40 -18.59 32.94 -2.43
CA GLU A 40 -18.32 31.52 -2.53
C GLU A 40 -18.57 30.80 -1.21
N LEU A 41 -18.29 31.41 -0.07
CA LEU A 41 -18.46 30.88 1.24
C LEU A 41 -19.91 30.95 1.72
N PHE A 42 -20.53 32.08 1.33
CA PHE A 42 -21.90 32.38 1.72
C PHE A 42 -22.83 31.30 1.08
N GLU A 43 -22.51 31.09 -0.15
CA GLU A 43 -23.16 30.14 -1.03
C GLU A 43 -23.04 28.72 -0.50
N SER A 44 -21.92 28.38 0.10
CA SER A 44 -21.68 27.04 0.66
C SER A 44 -22.58 26.80 1.87
N TYR A 45 -23.04 27.88 2.49
CA TYR A 45 -23.87 27.80 3.68
C TYR A 45 -25.36 27.51 3.51
N ILE A 46 -26.11 28.37 4.19
CA ILE A 46 -27.58 28.24 4.26
C ILE A 46 -27.68 27.28 5.48
N GLU A 47 -28.84 27.04 6.00
CA GLU A 47 -29.00 26.10 7.13
C GLU A 47 -28.80 24.68 6.57
N GLY A 48 -28.01 24.63 5.51
CA GLY A 48 -27.65 23.50 4.74
C GLY A 48 -27.06 22.31 5.44
N ARG A 49 -26.24 22.59 6.43
CA ARG A 49 -25.56 21.54 7.22
C ARG A 49 -25.42 22.06 8.66
N ILE B 1 0.01 27.95 -1.63
CA ILE B 1 -1.39 27.60 -2.02
C ILE B 1 -1.43 27.07 -3.43
N VAL B 2 -2.22 26.00 -3.63
CA VAL B 2 -2.40 25.41 -4.96
C VAL B 2 -3.76 25.86 -5.49
N GLU B 3 -3.73 26.39 -6.70
CA GLU B 3 -4.92 26.87 -7.39
C GLU B 3 -5.68 27.94 -6.62
N GLY B 4 -4.90 28.88 -6.12
CA GLY B 4 -5.47 30.02 -5.37
C GLY B 4 -5.35 31.21 -6.31
N GLN B 5 -5.55 32.38 -5.75
CA GLN B 5 -5.45 33.61 -6.56
C GLN B 5 -4.92 34.71 -5.67
N ASP B 6 -4.42 35.75 -6.32
CA ASP B 6 -3.85 36.91 -5.62
C ASP B 6 -4.98 37.50 -4.76
N ALA B 7 -4.63 37.85 -3.56
CA ALA B 7 -5.56 38.45 -2.60
C ALA B 7 -5.68 39.95 -2.91
N GLU B 8 -6.74 40.57 -2.45
CA GLU B 8 -6.86 42.07 -2.68
C GLU B 8 -6.04 42.62 -1.53
N VAL B 9 -5.60 43.85 -1.57
CA VAL B 9 -4.79 44.32 -0.40
C VAL B 9 -5.80 44.43 0.76
N GLY B 10 -5.40 44.28 1.99
CA GLY B 10 -6.25 44.37 3.16
C GLY B 10 -7.29 43.25 3.29
N LEU B 11 -7.16 42.22 2.47
CA LEU B 11 -7.98 41.09 2.42
C LEU B 11 -7.99 40.24 3.72
N SER B 12 -6.80 40.07 4.19
CA SER B 12 -6.53 39.26 5.41
C SER B 12 -5.61 40.04 6.29
N PRO B 13 -6.17 40.96 7.05
CA PRO B 13 -5.36 41.85 7.93
C PRO B 13 -4.68 41.20 9.09
N TRP B 14 -5.05 39.96 9.38
CA TRP B 14 -4.47 39.20 10.52
C TRP B 14 -3.33 38.31 10.09
N GLN B 15 -2.98 38.31 8.81
CA GLN B 15 -1.92 37.50 8.21
C GLN B 15 -0.53 38.00 8.61
N VAL B 16 0.15 37.26 9.42
CA VAL B 16 1.50 37.52 9.90
C VAL B 16 2.49 36.66 9.14
N MET B 17 3.69 37.18 8.98
CA MET B 17 4.77 36.37 8.30
C MET B 17 5.88 36.14 9.35
N LEU B 18 6.28 34.91 9.48
CA LEU B 18 7.32 34.48 10.43
C LEU B 18 8.62 34.47 9.59
N PHE B 19 9.57 35.19 10.13
CA PHE B 19 10.86 35.32 9.38
C PHE B 19 12.07 35.06 10.23
N ARG B 20 13.09 34.43 9.67
CA ARG B 20 14.37 34.12 10.33
C ARG B 20 15.30 35.33 10.36
N LYS B 21 15.90 35.63 11.49
CA LYS B 21 16.83 36.79 11.52
C LYS B 21 18.05 36.50 10.67
N SER B 22 18.56 35.26 10.85
CA SER B 22 19.82 34.91 10.09
C SER B 22 20.12 33.46 10.01
N PRO B 23 20.34 32.86 8.86
CA PRO B 23 20.21 33.51 7.55
C PRO B 23 18.76 33.98 7.44
N GLN B 24 18.57 35.00 6.67
CA GLN B 24 17.26 35.64 6.41
C GLN B 24 16.41 34.74 5.54
N GLU B 25 15.21 34.40 6.03
CA GLU B 25 14.28 33.54 5.27
C GLU B 25 12.89 33.44 5.86
N LEU B 26 11.94 33.19 4.98
CA LEU B 26 10.48 33.06 5.32
C LEU B 26 10.25 31.71 5.97
N LEU B 27 9.79 31.62 7.19
CA LEU B 27 9.59 30.28 7.80
C LEU B 27 8.21 29.65 7.67
N CYS B 28 7.20 30.42 8.04
CA CYS B 28 5.82 30.16 8.05
C CYS B 28 4.91 31.40 8.10
N GLY B 29 3.63 31.14 8.00
CA GLY B 29 2.58 32.14 8.12
C GLY B 29 2.09 31.95 9.61
N ALA B 30 1.23 32.87 9.98
CA ALA B 30 0.66 32.81 11.36
C ALA B 30 -0.43 33.83 11.44
N SER B 31 -1.11 33.94 12.57
CA SER B 31 -2.16 35.01 12.58
C SER B 31 -2.11 35.80 13.86
N LEU B 32 -2.54 37.01 13.81
CA LEU B 32 -2.69 38.02 14.82
C LEU B 32 -4.09 37.85 15.41
N ILE B 33 -4.19 37.47 16.65
CA ILE B 33 -5.47 37.28 17.35
C ILE B 33 -5.64 38.34 18.45
N SER B 34 -4.76 39.31 18.47
CA SER B 34 -4.68 40.39 19.46
C SER B 34 -3.68 41.46 19.08
N ASP B 35 -3.48 42.50 19.87
CA ASP B 35 -2.46 43.55 19.45
C ASP B 35 -1.06 43.10 19.86
N ARG B 36 -1.03 42.08 20.69
CA ARG B 36 0.11 41.42 21.22
C ARG B 36 0.36 39.95 21.04
N TRP B 37 -0.54 39.10 20.63
CA TRP B 37 -0.37 37.65 20.50
C TRP B 37 -0.54 37.11 19.09
N VAL B 38 0.36 36.24 18.69
CA VAL B 38 0.28 35.70 17.26
C VAL B 38 0.06 34.20 17.40
N LEU B 39 -0.78 33.60 16.62
CA LEU B 39 -1.00 32.12 16.74
C LEU B 39 -0.28 31.50 15.53
N THR B 40 0.35 30.35 15.74
CA THR B 40 1.04 29.64 14.64
C THR B 40 1.11 28.19 15.03
N ALA B 41 1.67 27.36 14.18
CA ALA B 41 1.89 25.95 14.42
C ALA B 41 3.21 25.68 15.08
N ALA B 42 3.21 24.85 16.11
CA ALA B 42 4.37 24.40 16.85
C ALA B 42 5.51 23.97 15.92
N HIS B 43 5.17 23.14 14.94
CA HIS B 43 6.18 22.62 14.02
C HIS B 43 6.94 23.70 13.24
N CYS B 44 6.56 24.93 13.34
CA CYS B 44 7.19 26.05 12.66
C CYS B 44 8.43 26.51 13.47
N LEU B 45 8.44 26.11 14.71
CA LEU B 45 9.42 26.37 15.72
C LEU B 45 10.19 25.15 16.21
N LEU B 46 9.52 24.12 16.60
CA LEU B 46 10.08 22.88 17.13
C LEU B 46 9.65 21.66 16.33
N TYR B 47 10.58 21.02 15.69
CA TYR B 47 10.55 19.84 14.88
C TYR B 47 11.89 19.10 14.87
N PRO B 48 12.15 18.33 15.92
CA PRO B 48 13.43 17.58 16.08
C PRO B 48 13.92 16.80 14.89
N PRO B 49 13.02 16.07 14.24
CA PRO B 49 13.31 15.27 13.07
C PRO B 49 14.07 16.01 11.98
N TRP B 50 13.95 17.34 11.96
CA TRP B 50 14.65 18.16 10.96
C TRP B 50 15.68 19.05 11.69
N ASP B 51 15.92 18.71 12.93
CA ASP B 51 16.89 19.48 13.78
C ASP B 51 16.52 20.96 13.75
N LYS B 52 15.23 21.19 14.05
CA LYS B 52 14.68 22.58 14.06
C LYS B 52 14.23 22.96 15.44
N ASN B 53 14.85 24.00 15.96
CA ASN B 53 14.49 24.53 17.32
C ASN B 53 14.79 26.03 17.32
N PHE B 54 13.78 26.84 17.03
CA PHE B 54 13.96 28.29 17.04
C PHE B 54 13.57 28.85 18.40
N THR B 55 14.36 29.84 18.80
CA THR B 55 14.15 30.53 20.07
C THR B 55 13.77 31.97 19.73
N VAL B 56 13.32 32.66 20.73
CA VAL B 56 12.90 34.07 20.53
C VAL B 56 13.89 34.86 19.75
N ASP B 57 15.20 34.73 20.11
CA ASP B 57 16.14 35.66 19.32
C ASP B 57 16.39 35.19 17.95
N ASP B 58 15.75 34.17 17.42
CA ASP B 58 16.00 33.79 16.00
C ASP B 58 14.96 34.36 15.02
N LEU B 59 13.91 34.97 15.55
CA LEU B 59 12.85 35.43 14.70
C LEU B 59 12.24 36.77 14.90
N LEU B 60 11.64 37.20 13.82
CA LEU B 60 10.89 38.44 13.70
C LEU B 60 9.48 38.02 13.16
N VAL B 61 8.57 38.91 13.41
CA VAL B 61 7.18 38.70 12.89
C VAL B 61 6.88 39.91 11.99
N ARG B 62 6.53 39.69 10.75
CA ARG B 62 6.19 40.75 9.79
C ARG B 62 4.66 40.70 9.54
N ILE B 63 3.98 41.76 9.95
CA ILE B 63 2.57 42.02 9.85
C ILE B 63 2.22 43.17 8.90
N GLY B 64 1.20 43.03 8.08
CA GLY B 64 0.68 43.98 7.14
C GLY B 64 1.14 43.82 5.73
N LYS B 65 1.79 42.72 5.40
CA LYS B 65 2.32 42.49 4.07
C LYS B 65 1.38 41.86 3.07
N HIS B 66 1.72 42.12 1.84
CA HIS B 66 1.08 41.70 0.60
C HIS B 66 2.15 40.99 -0.18
N SER B 67 3.23 41.67 -0.48
CA SER B 67 4.37 41.11 -1.22
C SER B 67 5.30 40.30 -0.31
N ARG B 68 5.67 39.16 -0.86
CA ARG B 68 6.55 38.16 -0.23
C ARG B 68 7.97 38.67 -0.12
N THR B 69 8.38 39.30 -1.17
CA THR B 69 9.71 39.88 -1.35
C THR B 69 10.04 41.19 -0.69
N ARG B 70 9.67 42.30 -1.25
CA ARG B 70 9.98 43.62 -0.76
C ARG B 70 9.43 44.02 0.60
N TYR B 71 10.21 44.94 1.17
CA TYR B 71 9.97 45.57 2.47
C TYR B 71 8.94 46.68 2.20
N GLU B 72 7.71 46.39 2.54
CA GLU B 72 6.60 47.37 2.29
C GLU B 72 6.60 48.38 3.40
N ARG B 73 7.42 49.38 3.12
CA ARG B 73 7.73 50.53 3.94
C ARG B 73 6.54 51.23 4.53
N LYS B 74 5.61 51.69 3.70
CA LYS B 74 4.42 52.37 4.23
C LYS B 74 3.65 51.50 5.25
N VAL B 75 3.08 50.39 4.79
CA VAL B 75 2.25 49.49 5.53
C VAL B 75 2.68 48.44 6.51
N GLU B 76 3.77 47.74 6.34
CA GLU B 76 4.18 46.69 7.25
C GLU B 76 4.91 47.10 8.51
N LYS B 77 4.66 46.37 9.56
CA LYS B 77 5.25 46.44 10.86
C LYS B 77 6.13 45.18 11.03
N ILE B 78 7.24 45.36 11.66
CA ILE B 78 8.21 44.31 11.95
C ILE B 78 8.34 44.24 13.47
N SER B 79 8.17 43.05 14.03
CA SER B 79 8.33 43.01 15.51
C SER B 79 9.15 41.79 15.86
N MET B 80 9.54 41.85 17.12
CA MET B 80 10.38 40.85 17.81
C MET B 80 9.52 40.22 18.90
N LEU B 81 9.93 39.05 19.31
CA LEU B 81 9.20 38.31 20.30
C LEU B 81 9.72 38.48 21.72
N ASP B 82 8.74 38.56 22.60
CA ASP B 82 9.00 38.62 24.03
C ASP B 82 9.24 37.13 24.45
N LYS B 83 8.14 36.42 24.40
CA LYS B 83 7.98 35.01 24.78
C LYS B 83 7.52 34.10 23.65
N ILE B 84 7.60 32.78 23.92
CA ILE B 84 7.25 31.69 23.05
C ILE B 84 6.70 30.53 23.89
N TYR B 85 5.50 30.10 23.53
CA TYR B 85 4.86 28.99 24.22
C TYR B 85 4.35 27.94 23.22
N ILE B 86 4.81 26.72 23.35
CA ILE B 86 4.44 25.53 22.55
C ILE B 86 3.58 24.63 23.42
N HIS B 87 2.53 24.02 22.90
CA HIS B 87 1.63 23.14 23.66
C HIS B 87 2.49 22.02 24.26
N PRO B 88 2.36 21.81 25.56
CA PRO B 88 3.13 20.81 26.30
C PRO B 88 2.88 19.42 25.75
N ARG B 89 1.69 19.20 25.22
CA ARG B 89 1.34 17.89 24.65
C ARG B 89 1.46 17.79 23.17
N TYR B 90 2.19 18.72 22.57
CA TYR B 90 2.46 18.72 21.12
C TYR B 90 3.17 17.43 20.74
N ASN B 91 2.70 16.69 19.77
CA ASN B 91 3.33 15.43 19.35
C ASN B 91 3.86 15.43 17.94
N TRP B 92 5.17 15.54 17.83
CA TRP B 92 5.85 15.56 16.53
C TRP B 92 6.25 14.23 16.00
N LYS B 93 6.29 13.21 16.86
CA LYS B 93 6.71 11.88 16.44
C LYS B 93 5.61 11.04 15.83
N GLU B 94 4.41 11.17 16.29
CA GLU B 94 3.38 10.29 15.70
C GLU B 94 2.42 10.91 14.75
N ASN B 95 1.79 12.00 15.14
CA ASN B 95 0.79 12.54 14.17
C ASN B 95 0.75 14.04 14.06
N LEU B 96 1.55 14.75 14.81
CA LEU B 96 1.56 16.21 14.81
C LEU B 96 0.25 16.62 15.53
N ASP B 97 0.00 15.97 16.62
CA ASP B 97 -1.21 16.24 17.43
C ASP B 97 -0.90 17.52 18.20
N ARG B 98 -1.84 18.39 18.37
CA ARG B 98 -1.69 19.65 19.10
C ARG B 98 -0.61 20.54 18.52
N ASP B 99 -0.69 20.65 17.19
CA ASP B 99 0.32 21.48 16.44
C ASP B 99 -0.07 22.94 16.55
N ILE B 100 0.23 23.53 17.69
CA ILE B 100 -0.10 24.87 18.06
C ILE B 100 0.92 25.57 18.95
N ALA B 101 1.12 26.87 18.65
CA ALA B 101 2.05 27.66 19.50
C ALA B 101 1.58 29.13 19.52
N LEU B 102 1.95 29.76 20.60
CA LEU B 102 1.58 31.22 20.76
C LEU B 102 2.85 32.04 20.82
N LEU B 103 2.83 33.20 20.25
CA LEU B 103 3.94 34.16 20.16
C LEU B 103 3.44 35.49 20.77
N LYS B 104 4.20 35.90 21.76
CA LYS B 104 3.95 37.16 22.53
C LYS B 104 4.94 38.21 22.01
N LEU B 105 4.43 39.28 21.43
CA LEU B 105 5.20 40.37 20.84
C LEU B 105 5.93 41.15 21.91
N LYS B 106 7.07 41.76 21.50
CA LYS B 106 7.85 42.57 22.50
C LYS B 106 6.88 43.56 23.16
N ARG B 107 6.21 44.31 22.32
CA ARG B 107 5.18 45.29 22.70
C ARG B 107 4.08 45.31 21.63
N PRO B 108 2.89 45.66 22.08
CA PRO B 108 1.68 45.71 21.25
C PRO B 108 1.83 46.46 19.95
N ILE B 109 1.35 45.82 18.89
CA ILE B 109 1.41 46.39 17.55
C ILE B 109 0.32 47.48 17.45
N GLU B 110 0.56 48.33 16.48
CA GLU B 110 -0.35 49.45 16.18
C GLU B 110 -1.20 48.91 15.04
N LEU B 111 -2.47 48.90 15.28
CA LEU B 111 -3.47 48.42 14.32
C LEU B 111 -3.67 49.41 13.19
N SER B 112 -4.38 48.89 12.17
CA SER B 112 -4.62 49.78 11.01
C SER B 112 -5.52 49.14 10.00
N ASP B 113 -5.58 49.68 8.81
CA ASP B 113 -6.37 49.20 7.70
C ASP B 113 -5.89 47.81 7.26
N TYR B 114 -4.57 47.65 7.45
CA TYR B 114 -3.83 46.48 7.07
C TYR B 114 -3.43 45.57 8.22
N ILE B 115 -3.74 45.97 9.44
CA ILE B 115 -3.38 45.20 10.62
C ILE B 115 -4.55 45.19 11.60
N HIS B 116 -5.20 44.03 11.57
CA HIS B 116 -6.36 43.81 12.45
C HIS B 116 -6.43 42.36 12.87
N PRO B 117 -6.84 42.09 14.09
CA PRO B 117 -6.98 40.75 14.64
C PRO B 117 -8.22 39.98 14.23
N VAL B 118 -8.08 38.70 14.02
CA VAL B 118 -9.23 37.79 13.64
C VAL B 118 -9.82 37.33 14.94
N CYS B 119 -11.06 36.83 14.90
CA CYS B 119 -11.70 36.36 16.14
C CYS B 119 -11.48 34.84 16.27
N LEU B 120 -11.51 34.40 17.48
CA LEU B 120 -11.42 33.02 17.92
C LEU B 120 -12.88 32.58 18.20
N PRO B 121 -13.19 31.40 17.71
CA PRO B 121 -14.49 30.79 17.86
C PRO B 121 -14.92 30.55 19.28
N ASP B 122 -16.24 30.69 19.45
CA ASP B 122 -16.96 30.42 20.72
C ASP B 122 -17.73 29.10 20.41
N LYS B 123 -18.29 28.50 21.43
CA LYS B 123 -19.05 27.28 21.36
C LYS B 123 -20.13 27.27 20.28
N GLN B 124 -20.96 28.31 20.33
CA GLN B 124 -22.06 28.45 19.37
C GLN B 124 -21.57 28.65 17.94
N THR B 125 -20.55 29.49 17.76
CA THR B 125 -20.03 29.72 16.36
C THR B 125 -19.48 28.41 15.80
N ALA B 126 -18.95 27.61 16.70
CA ALA B 126 -18.32 26.33 16.43
C ALA B 126 -19.37 25.30 16.01
N ALA B 127 -20.51 25.31 16.66
CA ALA B 127 -21.62 24.41 16.38
C ALA B 127 -22.24 24.73 15.04
N LYS B 128 -22.54 25.98 14.86
CA LYS B 128 -23.16 26.45 13.61
C LYS B 128 -22.31 26.38 12.38
N LEU B 129 -21.02 26.66 12.42
CA LEU B 129 -20.17 26.67 11.21
C LEU B 129 -19.32 25.47 10.89
N LEU B 130 -19.01 24.63 11.84
CA LEU B 130 -18.13 23.48 11.53
C LEU B 130 -18.99 22.32 11.02
N HIS B 131 -19.29 22.39 9.72
CA HIS B 131 -20.10 21.36 9.07
C HIS B 131 -19.52 20.89 7.77
N ALA B 132 -19.46 19.55 7.61
CA ALA B 132 -18.93 19.02 6.31
C ALA B 132 -19.64 19.78 5.20
N GLY B 133 -18.99 20.18 4.15
CA GLY B 133 -19.60 20.91 3.07
C GLY B 133 -19.38 22.39 3.08
N PHE B 134 -19.48 22.99 4.25
CA PHE B 134 -19.25 24.45 4.41
C PHE B 134 -17.82 24.79 4.11
N LYS B 135 -17.64 25.89 3.42
CA LYS B 135 -16.33 26.42 3.06
C LYS B 135 -15.79 27.47 4.02
N GLY B 136 -14.48 27.48 4.07
CA GLY B 136 -13.58 28.32 4.82
C GLY B 136 -12.46 28.75 3.85
N ARG B 137 -11.65 29.70 4.31
CA ARG B 137 -10.59 30.27 3.53
C ARG B 137 -9.18 30.14 4.09
N VAL B 138 -8.24 29.99 3.18
CA VAL B 138 -6.82 29.84 3.39
C VAL B 138 -6.02 30.87 2.53
N THR B 139 -5.00 31.41 3.17
CA THR B 139 -4.07 32.40 2.69
C THR B 139 -2.63 32.07 3.13
N GLY B 140 -1.71 32.35 2.20
CA GLY B 140 -0.31 32.14 2.38
C GLY B 140 0.55 32.47 1.18
N TRP B 141 1.85 32.37 1.47
CA TRP B 141 2.91 32.66 0.46
C TRP B 141 3.63 31.33 0.15
N GLY B 142 2.94 30.26 0.53
CA GLY B 142 3.43 28.91 0.32
C GLY B 142 3.56 28.67 -1.17
N ASN B 143 4.17 27.54 -1.44
CA ASN B 143 4.41 27.12 -2.84
C ASN B 143 3.04 26.92 -3.54
N ARG B 144 3.08 27.20 -4.82
CA ARG B 144 1.97 27.11 -5.75
C ARG B 144 1.91 25.67 -6.30
N ARG B 145 2.91 24.88 -5.94
CA ARG B 145 2.92 23.47 -6.41
C ARG B 145 3.85 22.60 -5.60
N GLU B 146 3.64 21.29 -5.70
CA GLU B 146 4.42 20.24 -5.06
C GLU B 146 5.86 20.17 -5.63
N THR B 147 6.76 20.33 -4.69
CA THR B 147 8.18 20.31 -4.84
C THR B 147 8.85 19.07 -5.44
N TRP B 148 9.56 19.33 -6.50
CA TRP B 148 10.41 18.55 -7.34
C TRP B 148 11.48 19.68 -7.70
N THR B 149 11.02 20.86 -7.27
CA THR B 149 11.73 22.12 -7.47
C THR B 149 11.98 22.90 -6.20
N THR B 150 12.32 24.16 -6.42
CA THR B 150 12.67 25.16 -5.43
C THR B 150 11.53 25.89 -4.77
N SER C 1 10.34 40.91 -6.83
CA SER C 1 11.05 39.64 -7.04
C SER C 1 10.09 38.46 -6.87
N VAL C 2 10.46 37.36 -7.50
CA VAL C 2 9.73 36.10 -7.47
C VAL C 2 10.32 35.09 -8.46
N ALA C 3 9.46 34.19 -8.89
CA ALA C 3 9.73 33.09 -9.82
C ALA C 3 8.63 32.05 -9.59
N GLU C 4 8.17 31.41 -10.65
CA GLU C 4 7.10 30.40 -10.47
C GLU C 4 7.53 29.35 -9.42
N VAL C 5 6.53 28.85 -8.78
CA VAL C 5 6.48 27.88 -7.72
C VAL C 5 6.29 28.67 -6.40
N GLN C 6 6.87 29.84 -6.35
CA GLN C 6 6.75 30.73 -5.19
C GLN C 6 6.03 32.00 -5.65
N PRO C 7 4.95 32.32 -4.97
CA PRO C 7 4.16 33.52 -5.32
C PRO C 7 4.94 34.79 -4.98
N SER C 8 4.52 35.86 -5.63
CA SER C 8 5.11 37.19 -5.42
C SER C 8 4.16 37.89 -4.45
N VAL C 9 2.91 37.43 -4.45
CA VAL C 9 1.89 38.02 -3.58
C VAL C 9 1.06 37.00 -2.81
N LEU C 10 0.36 37.44 -1.79
CA LEU C 10 -0.48 36.62 -0.96
C LEU C 10 -1.57 35.95 -1.83
N GLN C 11 -1.71 34.66 -1.59
CA GLN C 11 -2.61 33.75 -2.22
C GLN C 11 -3.76 33.35 -1.29
N VAL C 12 -4.89 33.12 -1.92
CA VAL C 12 -6.12 32.76 -1.29
C VAL C 12 -6.84 31.58 -1.97
N VAL C 13 -7.46 30.76 -1.20
CA VAL C 13 -8.22 29.62 -1.80
C VAL C 13 -9.36 29.36 -0.83
N ASN C 14 -10.52 29.05 -1.27
CA ASN C 14 -11.63 28.74 -0.29
C ASN C 14 -11.82 27.22 -0.51
N LEU C 15 -11.88 26.48 0.57
CA LEU C 15 -11.99 25.04 0.57
C LEU C 15 -13.04 24.56 1.57
N PRO C 16 -13.73 23.50 1.16
CA PRO C 16 -14.75 22.91 2.01
C PRO C 16 -14.22 22.01 3.12
N LEU C 17 -14.95 22.03 4.17
CA LEU C 17 -14.76 21.17 5.38
C LEU C 17 -15.22 19.78 4.89
N VAL C 18 -14.42 18.76 5.04
CA VAL C 18 -14.61 17.36 4.68
C VAL C 18 -15.06 16.59 5.92
N GLU C 19 -15.96 15.63 5.72
CA GLU C 19 -16.44 14.88 6.96
C GLU C 19 -15.37 13.94 7.41
N ARG C 20 -15.24 13.91 8.68
CA ARG C 20 -14.33 13.16 9.54
C ARG C 20 -14.04 11.77 9.12
N PRO C 21 -15.04 10.97 8.86
CA PRO C 21 -14.84 9.54 8.47
C PRO C 21 -14.06 9.46 7.17
N VAL C 22 -14.29 10.46 6.32
CA VAL C 22 -13.63 10.58 5.00
C VAL C 22 -12.16 10.91 5.23
N CYS C 23 -11.88 11.88 6.07
CA CYS C 23 -10.53 12.33 6.43
C CYS C 23 -9.70 11.15 7.00
N LYS C 24 -10.31 10.58 8.02
CA LYS C 24 -9.82 9.40 8.73
C LYS C 24 -9.51 8.33 7.72
N ALA C 25 -10.35 8.07 6.72
CA ALA C 25 -10.12 7.03 5.71
C ALA C 25 -9.13 7.36 4.62
N SER C 26 -8.80 8.59 4.39
CA SER C 26 -7.87 9.09 3.41
C SER C 26 -6.41 8.96 3.78
N THR C 27 -6.20 8.66 5.07
CA THR C 27 -4.79 8.57 5.54
C THR C 27 -4.55 7.39 6.43
N ARG C 28 -3.32 6.93 6.40
CA ARG C 28 -2.82 5.80 7.22
C ARG C 28 -2.41 6.35 8.57
N ILE C 29 -2.25 7.66 8.66
CA ILE C 29 -1.89 8.35 9.90
C ILE C 29 -3.05 8.34 10.89
N ARG C 30 -2.63 8.49 12.14
CA ARG C 30 -3.50 8.52 13.28
C ARG C 30 -4.11 9.91 13.51
N ILE C 31 -5.24 10.12 12.91
CA ILE C 31 -6.01 11.40 13.04
C ILE C 31 -6.48 11.46 14.47
N THR C 32 -6.83 12.61 14.96
CA THR C 32 -7.27 13.01 16.29
C THR C 32 -8.39 14.03 16.28
N ASP C 33 -9.11 14.23 17.38
CA ASP C 33 -10.20 15.21 17.39
C ASP C 33 -9.59 16.62 17.39
N ASN C 34 -8.28 16.66 17.44
CA ASN C 34 -7.56 17.95 17.49
C ASN C 34 -7.17 18.47 16.11
N MET C 35 -7.65 17.89 15.05
CA MET C 35 -7.36 18.26 13.69
C MET C 35 -8.57 17.99 12.81
N PHE C 36 -8.68 18.76 11.71
CA PHE C 36 -9.87 18.48 10.81
C PHE C 36 -9.29 18.48 9.43
N CYS C 37 -9.97 17.97 8.42
CA CYS C 37 -9.38 17.98 7.06
C CYS C 37 -10.37 18.82 6.19
N ALA C 38 -9.86 19.41 5.15
CA ALA C 38 -10.61 20.23 4.21
C ALA C 38 -10.01 20.03 2.81
N GLY C 39 -10.83 20.31 1.82
CA GLY C 39 -10.29 20.20 0.40
C GLY C 39 -11.37 19.61 -0.45
N TYR C 40 -11.18 19.64 -1.75
CA TYR C 40 -12.19 19.09 -2.68
C TYR C 40 -12.02 17.60 -2.90
N LYS C 41 -13.14 16.92 -3.05
CA LYS C 41 -13.09 15.46 -3.34
C LYS C 41 -12.92 15.28 -4.85
N PRO C 42 -12.28 14.23 -5.27
CA PRO C 42 -12.07 13.91 -6.70
C PRO C 42 -13.30 14.05 -7.53
N GLY C 43 -14.47 13.66 -7.09
CA GLY C 43 -15.71 13.80 -7.87
C GLY C 43 -16.30 15.18 -8.01
N GLU C 44 -15.56 16.19 -7.62
CA GLU C 44 -15.93 17.59 -7.61
C GLU C 44 -15.29 18.47 -8.64
N GLY C 45 -14.19 18.11 -9.30
CA GLY C 45 -13.64 19.01 -10.35
C GLY C 45 -12.91 20.24 -9.91
N LYS C 46 -13.35 20.94 -8.88
CA LYS C 46 -12.62 22.09 -8.34
C LYS C 46 -11.44 21.47 -7.54
N ARG C 47 -10.37 22.22 -7.46
CA ARG C 47 -9.14 21.86 -6.78
C ARG C 47 -8.75 22.99 -5.81
N GLY C 48 -7.57 22.86 -5.23
CA GLY C 48 -6.96 23.77 -4.32
C GLY C 48 -6.53 23.15 -3.03
N ASP C 49 -5.42 23.60 -2.50
CA ASP C 49 -4.91 23.07 -1.21
C ASP C 49 -3.88 24.02 -0.62
N ALA C 50 -3.48 23.75 0.60
CA ALA C 50 -2.41 24.56 1.21
C ALA C 50 -1.15 23.81 0.63
N CYS C 51 0.02 24.31 0.86
CA CYS C 51 1.21 23.61 0.30
C CYS C 51 2.36 24.02 1.20
N GLU C 52 3.50 23.47 0.85
CA GLU C 52 4.71 23.78 1.67
C GLU C 52 4.91 25.27 1.70
N GLY C 53 4.98 25.84 2.89
CA GLY C 53 5.20 27.26 3.16
C GLY C 53 3.99 27.97 3.71
N ASP C 54 2.85 27.29 3.66
CA ASP C 54 1.56 27.77 4.16
C ASP C 54 1.39 27.47 5.64
N SER C 55 2.22 26.61 6.21
CA SER C 55 2.15 26.22 7.61
C SER C 55 2.06 27.38 8.57
N GLY C 56 1.25 27.21 9.57
CA GLY C 56 1.03 28.24 10.61
C GLY C 56 -0.03 29.23 10.23
N GLY C 57 -0.38 29.37 8.99
CA GLY C 57 -1.42 30.31 8.48
C GLY C 57 -2.81 29.96 8.97
N PRO C 58 -3.76 30.91 8.81
CA PRO C 58 -5.15 30.70 9.29
C PRO C 58 -6.06 30.13 8.25
N PHE C 59 -7.08 29.43 8.66
CA PHE C 59 -8.18 28.79 8.02
C PHE C 59 -9.37 29.52 8.73
N VAL C 60 -9.91 30.47 7.95
CA VAL C 60 -11.01 31.26 8.59
C VAL C 60 -12.36 31.03 7.93
N MET C 61 -13.34 31.43 8.70
CA MET C 61 -14.76 31.36 8.24
C MET C 61 -15.42 32.67 8.52
N LYS C 62 -16.38 33.06 7.76
CA LYS C 62 -17.16 34.31 8.02
C LYS C 62 -18.56 33.91 8.49
N SER C 63 -18.93 34.27 9.67
CA SER C 63 -20.23 33.98 10.29
C SER C 63 -21.33 34.73 9.54
N PRO C 64 -22.34 34.00 9.10
CA PRO C 64 -23.50 34.60 8.40
C PRO C 64 -24.42 35.21 9.46
N TYR C 65 -24.13 34.88 10.69
CA TYR C 65 -24.89 35.39 11.88
C TYR C 65 -24.42 36.82 12.06
N ASN C 66 -23.30 37.05 12.64
CA ASN C 66 -22.70 38.42 12.80
C ASN C 66 -21.69 38.36 11.63
N ASN C 67 -21.42 39.30 10.83
CA ASN C 67 -20.47 39.22 9.73
C ASN C 67 -18.99 39.25 10.10
N ARG C 68 -18.53 38.57 11.11
CA ARG C 68 -17.12 38.56 11.50
C ARG C 68 -16.37 37.30 11.02
N TRP C 69 -15.06 37.45 10.94
CA TRP C 69 -14.22 36.27 10.50
C TRP C 69 -13.78 35.57 11.75
N TYR C 70 -13.82 34.27 11.78
CA TYR C 70 -13.37 33.47 12.92
C TYR C 70 -12.20 32.59 12.41
N GLN C 71 -11.22 32.33 13.24
CA GLN C 71 -10.10 31.44 12.83
C GLN C 71 -10.55 30.04 13.37
N MET C 72 -10.74 29.14 12.44
CA MET C 72 -11.23 27.78 12.77
C MET C 72 -10.07 26.82 12.85
N GLY C 73 -9.09 27.02 11.97
CA GLY C 73 -7.90 26.19 11.88
C GLY C 73 -6.61 26.92 11.58
N ILE C 74 -5.50 26.16 11.60
CA ILE C 74 -4.15 26.45 11.34
C ILE C 74 -3.58 25.39 10.37
N VAL C 75 -2.92 25.78 9.32
CA VAL C 75 -2.29 24.83 8.35
C VAL C 75 -1.31 23.96 9.11
N SER C 76 -1.48 22.62 9.11
CA SER C 76 -0.60 21.72 9.83
C SER C 76 0.23 20.86 8.90
N TRP C 77 -0.46 19.92 8.26
CA TRP C 77 0.24 18.99 7.37
C TRP C 77 -0.74 18.43 6.37
N GLY C 78 -0.20 17.68 5.49
CA GLY C 78 -0.85 16.95 4.40
C GLY C 78 0.18 16.00 3.82
N GLU C 79 -0.26 15.31 2.79
CA GLU C 79 0.55 14.35 2.02
C GLU C 79 0.65 14.84 0.58
N GLY C 80 1.60 15.69 0.33
CA GLY C 80 1.82 16.30 -1.01
C GLY C 80 0.77 17.45 -1.05
N CYS C 81 0.71 18.09 -2.18
CA CYS C 81 -0.25 19.20 -2.33
C CYS C 81 -1.23 18.87 -3.46
N ASP C 82 -2.49 19.09 -3.20
CA ASP C 82 -3.60 18.89 -4.13
C ASP C 82 -3.67 17.55 -4.80
N ARG C 83 -3.42 16.47 -4.09
CA ARG C 83 -3.50 15.11 -4.64
C ARG C 83 -4.92 14.59 -4.52
N ASP C 84 -5.41 13.97 -5.59
CA ASP C 84 -6.76 13.39 -5.58
C ASP C 84 -6.87 12.29 -4.49
N GLY C 85 -7.90 12.39 -3.70
CA GLY C 85 -8.19 11.45 -2.62
C GLY C 85 -7.60 11.79 -1.29
N LYS C 86 -6.77 12.76 -1.16
CA LYS C 86 -6.08 13.26 0.03
C LYS C 86 -6.57 14.67 0.44
N TYR C 87 -6.53 14.96 1.71
CA TYR C 87 -6.96 16.22 2.32
C TYR C 87 -5.86 16.86 3.16
N GLY C 88 -5.94 18.16 3.33
CA GLY C 88 -5.01 19.01 4.09
C GLY C 88 -5.48 18.88 5.56
N PHE C 89 -4.59 18.86 6.47
CA PHE C 89 -4.97 18.68 7.92
C PHE C 89 -4.66 20.00 8.58
N TYR C 90 -5.51 20.42 9.47
CA TYR C 90 -5.45 21.70 10.17
C TYR C 90 -5.63 21.48 11.67
N THR C 91 -4.97 22.32 12.46
CA THR C 91 -5.14 22.22 13.93
C THR C 91 -6.57 22.70 14.21
N HIS C 92 -7.23 22.03 15.12
CA HIS C 92 -8.61 22.38 15.51
C HIS C 92 -8.60 23.38 16.65
N VAL C 93 -8.52 24.62 16.35
CA VAL C 93 -8.45 25.76 17.26
C VAL C 93 -9.49 25.74 18.33
N PHE C 94 -10.76 25.62 17.96
CA PHE C 94 -11.82 25.63 19.03
C PHE C 94 -11.50 24.59 20.09
N ARG C 95 -11.06 23.43 19.70
CA ARG C 95 -10.68 22.35 20.65
C ARG C 95 -9.47 22.72 21.47
N LEU C 96 -8.51 23.52 20.99
CA LEU C 96 -7.34 23.89 21.81
C LEU C 96 -7.48 25.26 22.45
N LYS C 97 -8.67 25.79 22.38
CA LYS C 97 -9.08 27.05 22.92
C LYS C 97 -8.87 27.16 24.42
N LYS C 98 -9.07 26.09 25.16
CA LYS C 98 -8.85 26.22 26.65
C LYS C 98 -7.42 26.56 26.94
N TRP C 99 -6.50 25.83 26.32
CA TRP C 99 -5.07 26.06 26.47
C TRP C 99 -4.69 27.48 26.07
N ILE C 100 -5.22 27.97 24.95
CA ILE C 100 -4.96 29.32 24.46
C ILE C 100 -5.29 30.36 25.55
N GLN C 101 -6.47 30.19 26.16
CA GLN C 101 -6.92 31.13 27.19
C GLN C 101 -6.14 30.94 28.50
N LYS C 102 -5.56 29.78 28.67
CA LYS C 102 -4.77 29.50 29.89
C LYS C 102 -3.53 30.40 29.82
N VAL C 103 -2.77 30.27 28.75
CA VAL C 103 -1.53 31.04 28.55
C VAL C 103 -1.74 32.53 28.37
N ILE C 104 -2.85 32.98 27.82
CA ILE C 104 -3.05 34.44 27.66
C ILE C 104 -3.52 35.10 28.96
N ASP C 105 -4.30 34.37 29.73
CA ASP C 105 -4.85 34.81 31.02
C ASP C 105 -3.94 34.31 32.16
N ARG C 106 -2.67 34.51 31.91
CA ARG C 106 -1.48 34.22 32.64
C ARG C 106 -1.46 32.93 33.42
N LEU C 107 -1.42 31.87 32.65
CA LEU C 107 -1.38 30.49 33.13
C LEU C 107 -2.55 30.14 34.02
N GLY C 108 -3.67 30.83 33.79
CA GLY C 108 -4.90 30.63 34.52
C GLY C 108 -6.17 30.99 33.77
N SER C 109 -6.77 29.99 33.13
CA SER C 109 -8.03 30.23 32.39
C SER C 109 -8.28 29.21 31.28
C ACE D 1 4.22 6.31 13.54
O ACE D 1 3.90 5.91 12.41
CH3 ACE D 1 3.32 6.24 14.74
N ASP D 2 5.51 6.58 13.73
CA ASP D 2 6.27 7.38 12.79
C ASP D 2 5.38 8.01 11.71
N PHE D 3 5.18 9.28 11.96
CA PHE D 3 4.37 10.15 11.04
C PHE D 3 5.10 10.10 9.70
N LEU D 4 6.40 10.29 9.77
CA LEU D 4 7.29 10.33 8.60
C LEU D 4 7.35 9.07 7.76
N ALA D 5 7.42 7.92 8.41
CA ALA D 5 7.49 6.63 7.71
C ALA D 5 6.26 6.41 6.84
N GLU D 6 5.12 6.86 7.35
CA GLU D 6 3.83 6.73 6.68
C GLU D 6 3.43 7.82 5.73
N GLY D 7 4.31 8.67 5.26
CA GLY D 7 4.08 9.72 4.32
C GLY D 7 3.80 11.14 4.66
N GLY D 8 3.49 11.45 5.88
CA GLY D 8 3.16 12.76 6.43
C GLY D 8 4.24 13.82 6.23
N GLY D 9 3.76 14.94 5.74
CA GLY D 9 4.48 16.13 5.41
C GLY D 9 3.91 17.34 6.17
N VAL D 10 4.85 17.87 6.90
CA VAL D 10 4.69 19.10 7.73
C VAL D 10 4.57 20.15 6.62
N ARG D 11 3.95 21.26 6.80
CA ARG D 11 3.82 22.26 5.74
C ARG D 11 4.59 23.52 5.99
N THR E 14 -22.49 -4.34 -32.49
CA THR E 14 -22.80 -4.82 -31.15
C THR E 14 -23.09 -6.32 -31.12
N PHE E 15 -22.02 -7.12 -31.03
CA PHE E 15 -22.11 -8.56 -30.98
C PHE E 15 -20.74 -9.22 -30.63
N GLY E 16 -20.76 -9.95 -29.54
CA GLY E 16 -19.56 -10.66 -29.05
C GLY E 16 -19.36 -11.91 -29.91
N ALA E 17 -18.32 -11.87 -30.74
CA ALA E 17 -17.94 -12.95 -31.63
C ALA E 17 -17.19 -12.49 -32.88
N GLY E 18 -17.82 -11.58 -33.61
CA GLY E 18 -17.28 -11.01 -34.84
C GLY E 18 -18.34 -10.30 -35.67
N GLU E 19 -18.27 -8.97 -35.69
CA GLU E 19 -19.16 -8.09 -36.44
C GLU E 19 -18.71 -8.06 -37.91
N ALA E 20 -17.99 -9.11 -38.23
CA ALA E 20 -17.42 -9.28 -39.58
C ALA E 20 -16.17 -8.39 -39.59
N ASP E 21 -16.47 -7.15 -39.20
CA ASP E 21 -15.47 -6.12 -39.12
C ASP E 21 -14.95 -5.82 -37.76
N CYS E 22 -15.52 -6.27 -36.70
CA CYS E 22 -14.96 -5.90 -35.36
C CYS E 22 -13.56 -6.51 -35.26
N GLY E 23 -12.65 -5.87 -34.58
CA GLY E 23 -11.31 -6.25 -34.32
C GLY E 23 -10.34 -6.28 -35.45
N LEU E 24 -10.71 -5.75 -36.62
CA LEU E 24 -9.77 -5.76 -37.78
C LEU E 24 -9.54 -4.27 -38.03
N ARG E 25 -8.42 -3.80 -37.65
CA ARG E 25 -7.98 -2.41 -37.75
C ARG E 25 -7.60 -2.02 -39.17
N PRO E 26 -8.22 -0.95 -39.61
CA PRO E 26 -7.93 -0.40 -40.96
C PRO E 26 -6.45 -0.25 -41.21
N LEU E 27 -5.69 0.35 -40.35
CA LEU E 27 -4.27 0.66 -40.57
C LEU E 27 -3.34 -0.50 -40.54
N PHE E 28 -3.72 -1.58 -39.90
CA PHE E 28 -3.00 -2.80 -39.71
C PHE E 28 -3.51 -4.04 -40.39
N GLU E 29 -4.51 -4.73 -39.95
CA GLU E 29 -5.00 -5.99 -40.46
C GLU E 29 -5.63 -5.92 -41.83
N LYS E 30 -6.36 -4.85 -42.05
CA LYS E 30 -7.06 -4.62 -43.35
C LYS E 30 -6.08 -4.34 -44.43
N LYS E 31 -4.97 -3.74 -44.06
CA LYS E 31 -3.80 -3.37 -44.77
C LYS E 31 -2.72 -4.47 -44.75
N GLN E 32 -2.94 -5.58 -44.09
CA GLN E 32 -2.02 -6.67 -43.94
C GLN E 32 -0.67 -6.22 -43.34
N VAL E 33 -0.69 -5.24 -42.46
CA VAL E 33 0.50 -4.70 -41.80
C VAL E 33 0.45 -5.01 -40.29
N GLN E 34 1.53 -5.57 -39.80
CA GLN E 34 1.67 -5.96 -38.40
C GLN E 34 2.09 -4.76 -37.56
N ASP E 35 1.68 -4.71 -36.32
CA ASP E 35 2.10 -3.52 -35.49
C ASP E 35 3.50 -3.89 -34.96
N GLN E 36 4.06 -3.03 -34.17
CA GLN E 36 5.38 -3.25 -33.58
C GLN E 36 5.49 -4.29 -32.49
N THR E 37 4.54 -4.51 -31.63
CA THR E 37 4.72 -5.50 -30.53
C THR E 37 3.86 -6.73 -30.61
N GLU E 38 2.97 -6.81 -31.55
CA GLU E 38 2.08 -7.86 -31.91
C GLU E 38 2.74 -9.22 -31.90
N LYS E 39 3.92 -9.37 -32.46
CA LYS E 39 4.61 -10.68 -32.48
C LYS E 39 4.93 -11.15 -31.06
N GLU E 40 5.05 -10.24 -30.13
CA GLU E 40 5.31 -10.61 -28.71
C GLU E 40 4.09 -11.32 -28.15
N LEU E 41 2.88 -11.06 -28.61
CA LEU E 41 1.67 -11.74 -28.09
C LEU E 41 1.45 -13.16 -28.68
N PHE E 42 1.90 -13.32 -29.89
CA PHE E 42 1.81 -14.59 -30.62
C PHE E 42 2.83 -15.57 -30.06
N GLU E 43 4.04 -15.07 -29.82
CA GLU E 43 5.13 -15.90 -29.28
C GLU E 43 4.62 -16.52 -27.98
N SER E 44 3.81 -15.74 -27.24
CA SER E 44 3.24 -16.18 -25.97
C SER E 44 2.23 -17.31 -26.17
N TYR E 45 1.48 -17.29 -27.25
CA TYR E 45 0.49 -18.32 -27.58
C TYR E 45 1.16 -19.62 -28.00
N ILE E 46 2.07 -19.59 -28.95
CA ILE E 46 2.76 -20.78 -29.43
C ILE E 46 3.52 -21.47 -28.32
N GLU E 47 4.13 -20.79 -27.42
CA GLU E 47 4.89 -21.30 -26.28
C GLU E 47 3.88 -21.77 -25.22
N GLY E 48 2.70 -21.21 -25.37
CA GLY E 48 1.55 -21.50 -24.46
C GLY E 48 1.25 -22.98 -24.62
N ARG E 49 1.50 -23.40 -25.87
CA ARG E 49 1.29 -24.82 -26.24
C ARG E 49 -0.18 -25.00 -26.60
N ILE F 1 0.20 4.12 -17.94
CA ILE F 1 0.96 2.88 -18.18
C ILE F 1 2.39 2.96 -17.73
N VAL F 2 2.83 1.99 -16.91
CA VAL F 2 4.22 1.96 -16.43
C VAL F 2 5.04 0.98 -17.28
N GLU F 3 6.16 1.44 -17.82
CA GLU F 3 7.09 0.69 -18.62
C GLU F 3 6.49 0.29 -19.96
N GLY F 4 5.69 1.13 -20.49
CA GLY F 4 5.07 0.83 -21.87
C GLY F 4 5.80 1.82 -22.78
N GLN F 5 5.43 1.91 -24.02
CA GLN F 5 5.98 2.76 -25.03
C GLN F 5 4.84 3.51 -25.74
N ASP F 6 5.20 4.53 -26.49
CA ASP F 6 4.23 5.34 -27.25
C ASP F 6 3.61 4.40 -28.29
N ALA F 7 2.31 4.54 -28.44
CA ALA F 7 1.61 3.70 -29.43
C ALA F 7 1.72 4.35 -30.82
N GLU F 8 1.74 3.48 -31.82
CA GLU F 8 1.74 3.82 -33.24
C GLU F 8 0.38 4.44 -33.49
N VAL F 9 0.19 5.28 -34.52
CA VAL F 9 -1.16 5.89 -34.73
C VAL F 9 -2.06 4.77 -35.28
N GLY F 10 -3.28 4.80 -34.90
CA GLY F 10 -4.32 3.90 -35.27
C GLY F 10 -4.08 2.47 -34.74
N LEU F 11 -3.35 2.31 -33.68
CA LEU F 11 -3.01 1.04 -33.06
C LEU F 11 -4.16 0.37 -32.32
N SER F 12 -4.97 1.20 -31.75
CA SER F 12 -6.12 0.86 -30.89
C SER F 12 -7.23 1.84 -31.17
N PRO F 13 -7.86 1.62 -32.33
CA PRO F 13 -8.94 2.48 -32.85
C PRO F 13 -10.24 2.41 -32.15
N TRP F 14 -10.33 1.59 -31.12
CA TRP F 14 -11.47 1.38 -30.26
C TRP F 14 -11.27 2.12 -28.92
N GLN F 15 -10.10 2.72 -28.76
CA GLN F 15 -9.75 3.47 -27.56
C GLN F 15 -10.58 4.72 -27.45
N VAL F 16 -11.27 4.95 -26.38
CA VAL F 16 -12.10 6.11 -26.11
C VAL F 16 -11.63 6.76 -24.85
N MET F 17 -11.74 8.05 -24.79
CA MET F 17 -11.42 8.92 -23.65
C MET F 17 -12.71 9.42 -23.07
N LEU F 18 -12.97 9.33 -21.82
CA LEU F 18 -14.11 9.79 -21.08
C LEU F 18 -13.60 11.15 -20.45
N PHE F 19 -14.34 12.15 -20.81
CA PHE F 19 -14.01 13.51 -20.40
C PHE F 19 -15.05 14.25 -19.66
N ARG F 20 -14.68 15.07 -18.70
CA ARG F 20 -15.61 15.91 -17.92
C ARG F 20 -15.89 17.17 -18.76
N LYS F 21 -17.07 17.76 -18.52
CA LYS F 21 -17.43 18.96 -19.30
C LYS F 21 -17.04 20.24 -18.63
N SER F 22 -16.81 20.26 -17.36
CA SER F 22 -16.37 21.43 -16.58
C SER F 22 -16.07 20.95 -15.13
N PRO F 23 -14.84 21.04 -14.71
CA PRO F 23 -13.67 21.49 -15.47
C PRO F 23 -13.46 20.55 -16.65
N GLN F 24 -12.36 20.74 -17.32
CA GLN F 24 -11.95 20.01 -18.51
C GLN F 24 -11.12 18.78 -18.34
N GLU F 25 -11.19 18.02 -17.28
CA GLU F 25 -10.37 16.84 -17.09
C GLU F 25 -10.73 15.50 -17.69
N LEU F 26 -9.65 14.77 -18.02
CA LEU F 26 -9.66 13.41 -18.55
C LEU F 26 -10.07 12.56 -17.30
N LEU F 27 -11.06 11.71 -17.49
CA LEU F 27 -11.53 10.89 -16.35
C LEU F 27 -11.11 9.45 -16.39
N CYS F 28 -11.18 8.83 -17.55
CA CYS F 28 -10.90 7.42 -17.68
C CYS F 28 -10.68 6.98 -19.10
N GLY F 29 -10.45 5.71 -19.26
CA GLY F 29 -10.26 5.13 -20.63
C GLY F 29 -11.64 4.51 -20.86
N ALA F 30 -11.89 3.95 -21.99
CA ALA F 30 -13.14 3.35 -22.35
C ALA F 30 -12.97 2.68 -23.69
N SER F 31 -14.00 1.98 -24.16
CA SER F 31 -13.84 1.28 -25.48
C SER F 31 -15.22 1.33 -26.20
N LEU F 32 -15.05 1.19 -27.51
CA LEU F 32 -16.06 1.21 -28.54
C LEU F 32 -16.41 -0.25 -28.90
N ILE F 33 -17.58 -0.69 -28.58
CA ILE F 33 -18.01 -2.06 -28.94
C ILE F 33 -18.96 -1.95 -30.12
N SER F 34 -19.25 -0.73 -30.53
CA SER F 34 -20.09 -0.42 -31.69
C SER F 34 -20.02 1.10 -31.96
N ASP F 35 -20.82 1.55 -32.91
CA ASP F 35 -20.80 2.97 -33.26
C ASP F 35 -21.79 3.76 -32.39
N ARG F 36 -22.39 3.05 -31.47
CA ARG F 36 -23.37 3.66 -30.55
C ARG F 36 -23.10 3.31 -29.12
N TRP F 37 -22.33 2.27 -28.82
CA TRP F 37 -22.04 1.87 -27.43
C TRP F 37 -20.53 1.83 -27.11
N VAL F 38 -20.19 2.31 -25.94
CA VAL F 38 -18.99 2.46 -25.24
C VAL F 38 -19.06 1.66 -23.88
N LEU F 39 -17.98 0.96 -23.63
CA LEU F 39 -17.81 0.11 -22.44
C LEU F 39 -16.69 0.70 -21.57
N THR F 40 -16.95 0.68 -20.26
CA THR F 40 -15.92 1.23 -19.32
C THR F 40 -16.06 0.56 -18.00
N ALA F 41 -15.43 1.09 -16.97
CA ALA F 41 -15.52 0.54 -15.59
C ALA F 41 -16.49 1.38 -14.80
N ALA F 42 -17.33 0.74 -13.98
CA ALA F 42 -18.32 1.42 -13.16
C ALA F 42 -17.70 2.52 -12.30
N HIS F 43 -16.45 2.30 -11.83
CA HIS F 43 -15.88 3.30 -10.91
C HIS F 43 -15.55 4.60 -11.58
N CYS F 44 -15.57 4.62 -12.86
CA CYS F 44 -15.28 5.80 -13.68
C CYS F 44 -16.42 6.80 -13.46
N LEU F 45 -17.62 6.27 -13.19
CA LEU F 45 -18.83 7.02 -13.01
C LEU F 45 -19.43 7.10 -11.62
N LEU F 46 -19.37 5.97 -10.92
CA LEU F 46 -19.89 5.85 -9.59
C LEU F 46 -18.88 5.31 -8.59
N TYR F 47 -18.46 6.20 -7.70
CA TYR F 47 -17.48 5.88 -6.64
C TYR F 47 -17.77 6.75 -5.47
N PRO F 48 -18.67 6.28 -4.61
CA PRO F 48 -19.12 7.05 -3.44
C PRO F 48 -18.04 7.69 -2.62
N PRO F 49 -17.02 6.94 -2.26
CA PRO F 49 -15.92 7.46 -1.42
C PRO F 49 -15.47 8.82 -1.91
N TRP F 50 -15.23 9.01 -3.18
CA TRP F 50 -14.78 10.29 -3.76
C TRP F 50 -15.90 11.18 -4.22
N ASP F 51 -17.11 10.81 -3.90
CA ASP F 51 -18.28 11.57 -4.31
C ASP F 51 -18.43 11.59 -5.83
N LYS F 52 -18.24 10.54 -6.53
CA LYS F 52 -18.39 10.52 -8.00
C LYS F 52 -19.78 9.82 -8.21
N ASN F 53 -20.54 10.53 -8.99
CA ASN F 53 -21.88 10.03 -9.36
C ASN F 53 -22.26 10.85 -10.62
N PHE F 54 -21.45 10.62 -11.63
CA PHE F 54 -21.62 11.33 -12.90
C PHE F 54 -22.91 10.91 -13.57
N THR F 55 -23.58 11.91 -14.14
CA THR F 55 -24.79 11.74 -14.90
C THR F 55 -24.34 12.02 -16.37
N VAL F 56 -25.27 11.78 -17.23
CA VAL F 56 -25.15 11.93 -18.68
C VAL F 56 -24.74 13.30 -19.17
N ASP F 57 -25.14 14.32 -18.40
CA ASP F 57 -24.79 15.69 -18.88
C ASP F 57 -23.72 16.31 -18.03
N ASP F 58 -22.74 15.55 -17.66
CA ASP F 58 -21.56 15.74 -16.87
C ASP F 58 -20.33 15.38 -17.74
N LEU F 59 -20.59 14.44 -18.66
CA LEU F 59 -19.56 13.94 -19.54
C LEU F 59 -19.81 14.01 -21.01
N LEU F 60 -18.71 13.73 -21.69
CA LEU F 60 -18.67 13.62 -23.14
C LEU F 60 -17.53 12.61 -23.37
N VAL F 61 -17.58 12.00 -24.49
CA VAL F 61 -16.65 10.99 -24.98
C VAL F 61 -15.89 11.52 -26.17
N ARG F 62 -14.61 11.24 -26.29
CA ARG F 62 -13.77 11.67 -27.44
C ARG F 62 -13.15 10.40 -27.98
N ILE F 63 -13.36 10.15 -29.24
CA ILE F 63 -12.93 8.98 -29.98
C ILE F 63 -11.96 9.30 -31.12
N GLY F 64 -10.97 8.46 -31.40
CA GLY F 64 -9.99 8.58 -32.43
C GLY F 64 -8.76 9.35 -32.04
N LYS F 65 -8.65 9.71 -30.78
CA LYS F 65 -7.50 10.46 -30.28
C LYS F 65 -6.22 9.70 -30.34
N HIS F 66 -5.11 10.33 -30.09
CA HIS F 66 -3.75 9.78 -30.05
C HIS F 66 -3.06 10.57 -28.92
N SER F 67 -3.09 11.85 -29.19
CA SER F 67 -2.58 12.92 -28.34
C SER F 67 -3.56 13.10 -27.20
N ARG F 68 -3.08 13.30 -26.02
CA ARG F 68 -3.86 13.44 -24.79
C ARG F 68 -4.43 14.81 -24.56
N THR F 69 -3.69 15.84 -24.88
CA THR F 69 -4.15 17.23 -24.63
C THR F 69 -4.86 18.04 -25.65
N ARG F 70 -4.49 17.91 -26.91
CA ARG F 70 -5.06 18.70 -27.98
C ARG F 70 -6.15 18.00 -28.78
N TYR F 71 -7.11 18.87 -29.15
CA TYR F 71 -8.25 18.52 -29.97
C TYR F 71 -7.67 18.27 -31.38
N GLU F 72 -7.85 17.08 -31.86
CA GLU F 72 -7.35 16.65 -33.18
C GLU F 72 -8.47 16.75 -34.19
N ARG F 73 -8.48 17.87 -34.90
CA ARG F 73 -9.53 18.22 -35.86
C ARG F 73 -9.91 17.27 -36.95
N LYS F 74 -9.07 16.64 -37.73
CA LYS F 74 -9.63 15.75 -38.81
C LYS F 74 -9.63 14.28 -38.50
N VAL F 75 -9.19 13.89 -37.31
CA VAL F 75 -9.18 12.51 -36.86
C VAL F 75 -10.13 12.29 -35.68
N GLU F 76 -10.44 13.24 -34.84
CA GLU F 76 -11.35 12.96 -33.72
C GLU F 76 -12.78 13.44 -33.77
N LYS F 77 -13.62 12.63 -33.16
CA LYS F 77 -15.05 12.78 -32.97
C LYS F 77 -15.37 12.88 -31.47
N ILE F 78 -16.39 13.65 -31.17
CA ILE F 78 -16.88 13.89 -29.81
C ILE F 78 -18.38 13.55 -29.77
N SER F 79 -18.88 13.13 -28.64
CA SER F 79 -20.29 12.79 -28.46
C SER F 79 -20.71 13.03 -27.02
N MET F 80 -22.00 13.17 -26.87
CA MET F 80 -22.68 13.31 -25.56
C MET F 80 -23.25 11.87 -25.39
N LEU F 81 -23.71 11.56 -24.25
CA LEU F 81 -24.29 10.32 -23.84
C LEU F 81 -25.83 10.47 -23.74
N ASP F 82 -26.51 9.38 -24.00
CA ASP F 82 -27.94 9.19 -23.97
C ASP F 82 -28.33 8.46 -22.65
N LYS F 83 -27.66 7.35 -22.42
CA LYS F 83 -27.82 6.52 -21.23
C LYS F 83 -26.51 5.97 -20.68
N ILE F 84 -26.51 5.77 -19.40
CA ILE F 84 -25.46 5.18 -18.58
C ILE F 84 -26.06 3.94 -17.88
N TYR F 85 -25.46 2.81 -18.01
CA TYR F 85 -25.86 1.55 -17.41
C TYR F 85 -24.71 0.97 -16.57
N ILE F 86 -24.99 0.90 -15.30
CA ILE F 86 -24.00 0.39 -14.30
C ILE F 86 -24.59 -0.93 -13.83
N HIS F 87 -23.80 -1.97 -13.81
CA HIS F 87 -24.26 -3.30 -13.34
C HIS F 87 -25.05 -3.16 -12.09
N PRO F 88 -26.21 -3.78 -11.99
CA PRO F 88 -27.03 -3.70 -10.77
C PRO F 88 -26.20 -4.24 -9.60
N ARG F 89 -25.21 -5.08 -9.93
CA ARG F 89 -24.41 -5.66 -8.84
C ARG F 89 -23.00 -5.25 -8.60
N TYR F 90 -22.55 -4.11 -8.98
CA TYR F 90 -21.19 -3.53 -8.79
C TYR F 90 -20.96 -3.29 -7.29
N ASN F 91 -19.83 -3.74 -6.76
CA ASN F 91 -19.53 -3.59 -5.31
C ASN F 91 -18.34 -2.65 -5.19
N TRP F 92 -18.71 -1.43 -4.76
CA TRP F 92 -17.65 -0.39 -4.62
C TRP F 92 -17.05 -0.48 -3.23
N LYS F 93 -17.73 -0.97 -2.21
CA LYS F 93 -17.13 -1.00 -0.87
C LYS F 93 -16.29 -2.18 -0.53
N GLU F 94 -16.44 -3.31 -1.14
CA GLU F 94 -15.60 -4.49 -0.71
C GLU F 94 -14.48 -4.81 -1.62
N ASN F 95 -14.74 -5.08 -2.90
CA ASN F 95 -13.67 -5.42 -3.83
C ASN F 95 -13.85 -4.92 -5.25
N LEU F 96 -14.71 -3.96 -5.58
CA LEU F 96 -14.89 -3.54 -6.98
C LEU F 96 -15.28 -4.71 -7.91
N ASP F 97 -16.10 -5.57 -7.39
CA ASP F 97 -16.65 -6.73 -8.15
C ASP F 97 -17.63 -6.12 -9.14
N ARG F 98 -17.59 -6.65 -10.37
CA ARG F 98 -18.49 -6.15 -11.41
C ARG F 98 -18.32 -4.68 -11.70
N ASP F 99 -17.07 -4.35 -11.97
CA ASP F 99 -16.66 -2.98 -12.29
C ASP F 99 -17.00 -2.76 -13.76
N ILE F 100 -18.24 -2.53 -14.12
CA ILE F 100 -18.54 -2.42 -15.61
C ILE F 100 -19.69 -1.48 -15.79
N ALA F 101 -19.74 -0.83 -16.93
CA ALA F 101 -20.83 0.15 -17.22
C ALA F 101 -20.89 0.25 -18.76
N LEU F 102 -22.10 0.53 -19.23
CA LEU F 102 -22.35 0.70 -20.66
C LEU F 102 -22.88 2.12 -20.75
N LEU F 103 -22.39 2.80 -21.73
CA LEU F 103 -22.63 4.13 -22.16
C LEU F 103 -23.21 4.10 -23.58
N LYS F 104 -24.40 4.62 -23.68
CA LYS F 104 -25.11 4.69 -25.00
C LYS F 104 -24.86 6.09 -25.56
N LEU F 105 -24.24 6.22 -26.68
CA LEU F 105 -23.93 7.50 -27.34
C LEU F 105 -25.22 8.25 -27.76
N LYS F 106 -25.13 9.57 -27.64
CA LYS F 106 -26.29 10.42 -28.03
C LYS F 106 -26.47 10.35 -29.54
N ARG F 107 -25.48 10.12 -30.34
CA ARG F 107 -25.51 9.97 -31.76
C ARG F 107 -24.56 8.80 -32.12
N PRO F 108 -24.85 8.13 -33.20
CA PRO F 108 -24.02 7.04 -33.69
C PRO F 108 -22.78 7.75 -34.19
N ILE F 109 -21.64 7.15 -34.10
CA ILE F 109 -20.33 7.69 -34.51
C ILE F 109 -19.97 7.10 -35.84
N GLU F 110 -19.26 7.79 -36.69
CA GLU F 110 -18.87 7.37 -38.03
C GLU F 110 -17.46 6.83 -38.01
N LEU F 111 -17.35 5.57 -38.35
CA LEU F 111 -16.08 4.83 -38.35
C LEU F 111 -15.14 5.42 -39.35
N SER F 112 -13.87 5.14 -39.05
CA SER F 112 -12.73 5.59 -39.85
C SER F 112 -11.52 4.73 -39.55
N ASP F 113 -10.41 5.17 -40.06
CA ASP F 113 -9.10 4.55 -39.94
C ASP F 113 -8.65 4.58 -38.48
N TYR F 114 -9.24 5.58 -37.84
CA TYR F 114 -8.91 5.82 -36.44
C TYR F 114 -9.98 5.51 -35.45
N ILE F 115 -11.14 5.05 -35.91
CA ILE F 115 -12.29 4.74 -35.09
C ILE F 115 -12.89 3.45 -35.63
N HIS F 116 -12.92 2.46 -34.80
CA HIS F 116 -13.45 1.16 -35.24
C HIS F 116 -13.62 0.29 -34.02
N PRO F 117 -14.69 -0.48 -33.89
CA PRO F 117 -15.01 -1.34 -32.76
C PRO F 117 -14.16 -2.54 -32.53
N VAL F 118 -14.10 -2.99 -31.28
CA VAL F 118 -13.23 -4.22 -30.98
C VAL F 118 -14.25 -5.34 -30.85
N CYS F 119 -13.89 -6.60 -30.84
CA CYS F 119 -14.92 -7.63 -30.62
C CYS F 119 -15.03 -7.95 -29.13
N LEU F 120 -16.19 -8.50 -28.79
CA LEU F 120 -16.49 -8.98 -27.45
C LEU F 120 -16.23 -10.51 -27.66
N PRO F 121 -15.69 -11.13 -26.65
CA PRO F 121 -15.36 -12.54 -26.71
C PRO F 121 -16.57 -13.47 -26.67
N ASP F 122 -16.44 -14.50 -27.49
CA ASP F 122 -17.39 -15.62 -27.63
C ASP F 122 -16.72 -16.78 -26.87
N LYS F 123 -17.50 -17.68 -26.35
CA LYS F 123 -17.07 -18.84 -25.57
C LYS F 123 -15.90 -19.61 -26.11
N GLN F 124 -15.82 -19.86 -27.41
CA GLN F 124 -14.68 -20.62 -27.94
C GLN F 124 -13.41 -19.77 -27.78
N THR F 125 -13.52 -18.46 -27.96
CA THR F 125 -12.40 -17.55 -27.87
C THR F 125 -11.90 -17.39 -26.44
N ALA F 126 -12.85 -17.24 -25.53
CA ALA F 126 -12.42 -17.15 -24.09
C ALA F 126 -11.73 -18.47 -23.74
N ALA F 127 -12.21 -19.55 -24.38
CA ALA F 127 -11.71 -20.90 -24.11
C ALA F 127 -10.28 -21.13 -24.57
N LYS F 128 -9.92 -20.62 -25.71
CA LYS F 128 -8.60 -20.78 -26.30
C LYS F 128 -7.55 -19.81 -25.85
N LEU F 129 -7.91 -18.60 -25.51
CA LEU F 129 -7.05 -17.49 -25.11
C LEU F 129 -6.78 -17.23 -23.66
N LEU F 130 -7.72 -17.44 -22.81
CA LEU F 130 -7.60 -17.16 -21.37
C LEU F 130 -6.76 -18.13 -20.60
N HIS F 131 -5.44 -18.20 -20.93
CA HIS F 131 -4.58 -19.12 -20.14
C HIS F 131 -3.37 -18.33 -19.64
N ALA F 132 -2.94 -18.72 -18.44
CA ALA F 132 -1.79 -18.12 -17.78
C ALA F 132 -0.59 -18.13 -18.71
N GLY F 133 0.12 -17.02 -18.79
CA GLY F 133 1.30 -16.94 -19.67
C GLY F 133 0.93 -16.30 -21.00
N PHE F 134 -0.31 -16.37 -21.37
CA PHE F 134 -0.79 -15.75 -22.66
C PHE F 134 -0.83 -14.23 -22.36
N LYS F 135 -0.33 -13.48 -23.30
CA LYS F 135 -0.22 -12.04 -23.21
C LYS F 135 -1.31 -11.27 -23.95
N GLY F 136 -1.69 -10.20 -23.29
CA GLY F 136 -2.72 -9.25 -23.82
C GLY F 136 -2.09 -7.84 -23.82
N ARG F 137 -2.87 -6.88 -24.29
CA ARG F 137 -2.39 -5.46 -24.39
C ARG F 137 -3.23 -4.49 -23.63
N VAL F 138 -2.61 -3.55 -22.91
CA VAL F 138 -3.27 -2.51 -22.12
C VAL F 138 -2.89 -1.15 -22.76
N THR F 139 -3.87 -0.26 -22.94
CA THR F 139 -3.51 1.06 -23.56
C THR F 139 -4.18 2.11 -22.69
N GLY F 140 -3.55 3.32 -22.72
CA GLY F 140 -4.18 4.37 -21.87
C GLY F 140 -3.23 5.56 -21.75
N TRP F 141 -3.77 6.60 -21.11
CA TRP F 141 -3.09 7.83 -20.89
C TRP F 141 -2.77 8.07 -19.45
N GLY F 142 -2.89 7.08 -18.58
CA GLY F 142 -2.65 7.20 -17.16
C GLY F 142 -1.14 7.32 -16.87
N ASN F 143 -0.83 7.57 -15.64
CA ASN F 143 0.46 7.75 -15.04
C ASN F 143 1.54 6.77 -15.51
N ARG F 144 2.74 7.28 -15.62
CA ARG F 144 3.90 6.54 -16.07
C ARG F 144 4.71 6.06 -14.84
N ARG F 145 4.23 6.38 -13.68
CA ARG F 145 4.83 6.00 -12.39
C ARG F 145 3.73 6.28 -11.35
N GLU F 146 3.66 5.56 -10.27
CA GLU F 146 2.62 5.78 -9.25
C GLU F 146 2.94 7.03 -8.44
N THR F 147 4.22 7.27 -8.30
CA THR F 147 4.70 8.46 -7.53
C THR F 147 4.57 9.66 -8.45
N TRP F 148 3.56 10.49 -8.15
CA TRP F 148 3.31 11.65 -9.03
C TRP F 148 2.71 12.89 -8.44
N THR F 149 2.11 13.64 -9.38
CA THR F 149 1.48 14.91 -9.23
C THR F 149 2.75 15.81 -8.95
N THR F 150 3.12 16.51 -9.97
CA THR F 150 4.21 17.45 -9.98
C THR F 150 5.45 17.18 -9.17
N SER F 151 5.28 16.82 -7.91
CA SER F 151 6.39 16.53 -6.98
C SER F 151 7.39 15.66 -7.73
N VAL F 152 6.78 14.93 -8.63
CA VAL F 152 7.45 13.98 -9.55
C VAL F 152 7.08 14.46 -10.95
N ALA F 153 7.31 15.76 -11.14
CA ALA F 153 7.03 16.52 -12.36
C ALA F 153 5.64 16.16 -12.85
N GLU F 154 5.67 15.58 -14.05
CA GLU F 154 4.44 15.10 -14.69
C GLU F 154 4.81 13.75 -15.33
N VAL F 155 3.97 12.84 -14.89
CA VAL F 155 4.06 11.41 -15.31
C VAL F 155 2.84 11.12 -16.16
N GLN F 156 2.36 12.15 -16.84
CA GLN F 156 1.23 12.15 -17.77
C GLN F 156 1.86 12.28 -19.17
N PRO F 157 1.68 11.22 -19.93
CA PRO F 157 2.26 11.16 -21.29
C PRO F 157 1.49 12.06 -22.23
N SER F 158 2.02 12.32 -23.40
CA SER F 158 1.37 13.22 -24.40
C SER F 158 0.69 12.39 -25.47
N VAL F 159 1.21 11.24 -25.74
CA VAL F 159 0.64 10.27 -26.67
C VAL F 159 0.20 9.04 -25.85
N LEU F 160 -0.63 8.21 -26.49
CA LEU F 160 -1.17 6.97 -25.96
C LEU F 160 -0.01 5.95 -25.77
N GLN F 161 -0.10 5.30 -24.60
CA GLN F 161 0.91 4.29 -24.21
C GLN F 161 0.42 2.86 -24.44
N VAL F 162 1.33 1.91 -24.64
CA VAL F 162 1.15 0.53 -24.83
C VAL F 162 2.15 -0.39 -24.09
N VAL F 163 1.68 -1.30 -23.34
CA VAL F 163 2.45 -2.35 -22.63
C VAL F 163 1.74 -3.68 -22.89
N ASN F 164 2.47 -4.74 -23.12
CA ASN F 164 1.87 -6.12 -23.30
C ASN F 164 2.16 -6.86 -21.98
N LEU F 165 1.20 -7.59 -21.41
CA LEU F 165 1.48 -8.29 -20.14
C LEU F 165 0.73 -9.64 -20.06
N PRO F 166 1.44 -10.61 -19.45
CA PRO F 166 0.97 -11.95 -19.28
C PRO F 166 -0.17 -12.07 -18.27
N LEU F 167 -1.02 -13.00 -18.69
CA LEU F 167 -2.18 -13.33 -17.77
C LEU F 167 -1.47 -14.17 -16.66
N VAL F 168 -1.94 -14.05 -15.41
CA VAL F 168 -1.37 -14.79 -14.27
C VAL F 168 -2.30 -15.83 -13.72
N GLU F 169 -1.73 -16.85 -13.00
CA GLU F 169 -2.63 -17.95 -12.46
C GLU F 169 -3.42 -17.51 -11.30
N ARG F 170 -4.67 -17.89 -11.27
CA ARG F 170 -5.62 -17.49 -10.21
C ARG F 170 -5.09 -17.57 -8.80
N PRO F 171 -4.50 -18.69 -8.43
CA PRO F 171 -3.90 -18.91 -7.14
C PRO F 171 -2.82 -17.87 -6.85
N VAL F 172 -2.04 -17.58 -7.93
CA VAL F 172 -0.97 -16.55 -7.59
C VAL F 172 -1.67 -15.20 -7.48
N CYS F 173 -2.76 -14.91 -8.10
CA CYS F 173 -3.49 -13.64 -7.98
C CYS F 173 -4.22 -13.53 -6.65
N LYS F 174 -4.80 -14.64 -6.30
CA LYS F 174 -5.57 -14.68 -4.99
C LYS F 174 -4.62 -14.45 -3.84
N ALA F 175 -3.38 -14.93 -3.93
CA ALA F 175 -2.34 -14.77 -2.92
C ALA F 175 -1.66 -13.42 -2.84
N SER F 176 -1.65 -12.65 -3.94
CA SER F 176 -1.05 -11.30 -3.87
C SER F 176 -1.78 -10.32 -3.01
N THR F 177 -3.08 -10.50 -2.69
CA THR F 177 -3.76 -9.47 -1.88
C THR F 177 -4.67 -9.97 -0.80
N ARG F 178 -5.09 -9.06 0.05
CA ARG F 178 -5.94 -9.22 1.21
C ARG F 178 -7.41 -9.04 0.83
N ILE F 179 -7.60 -8.48 -0.32
CA ILE F 179 -8.90 -8.20 -0.88
C ILE F 179 -9.40 -9.51 -1.43
N ARG F 180 -10.66 -9.66 -1.22
CA ARG F 180 -11.46 -10.80 -1.63
C ARG F 180 -11.78 -10.64 -3.12
N ILE F 181 -11.01 -11.35 -3.90
CA ILE F 181 -11.09 -11.39 -5.36
C ILE F 181 -12.25 -12.34 -5.72
N THR F 182 -12.82 -12.22 -6.89
CA THR F 182 -13.92 -13.08 -7.35
C THR F 182 -13.73 -13.56 -8.78
N ASP F 183 -14.61 -14.39 -9.31
CA ASP F 183 -14.55 -14.94 -10.63
C ASP F 183 -14.75 -13.89 -11.75
N ASN F 184 -15.24 -12.72 -11.42
CA ASN F 184 -15.49 -11.68 -12.39
C ASN F 184 -14.29 -10.76 -12.64
N MET F 185 -13.14 -11.04 -12.03
CA MET F 185 -11.88 -10.39 -12.08
C MET F 185 -10.76 -11.34 -12.50
N PHE F 186 -9.67 -10.91 -13.03
CA PHE F 186 -8.49 -11.68 -13.42
C PHE F 186 -7.28 -10.73 -13.22
N CYS F 187 -6.05 -11.27 -13.05
CA CYS F 187 -4.90 -10.34 -12.84
C CYS F 187 -3.89 -10.57 -13.95
N ALA F 188 -3.02 -9.54 -14.10
CA ALA F 188 -2.02 -9.63 -15.17
C ALA F 188 -0.80 -8.85 -14.74
N GLY F 189 0.29 -9.34 -15.23
CA GLY F 189 1.59 -8.64 -14.83
C GLY F 189 2.73 -9.65 -14.83
N TYR F 190 3.89 -9.10 -14.60
CA TYR F 190 5.14 -9.94 -14.54
C TYR F 190 5.43 -10.32 -13.10
N LYS F 191 5.88 -11.55 -12.96
CA LYS F 191 6.25 -12.08 -11.61
C LYS F 191 7.63 -11.51 -11.20
N PRO F 192 7.88 -11.47 -9.92
CA PRO F 192 9.14 -10.99 -9.35
C PRO F 192 10.34 -11.71 -9.92
N GLY F 193 10.28 -12.96 -10.35
CA GLY F 193 11.53 -13.50 -10.96
C GLY F 193 11.64 -13.26 -12.44
N GLU F 194 10.64 -12.62 -13.07
CA GLU F 194 10.61 -12.47 -14.50
C GLU F 194 11.49 -11.62 -15.31
N GLY F 195 12.06 -10.51 -15.01
CA GLY F 195 12.95 -9.89 -16.05
C GLY F 195 12.27 -8.83 -16.82
N LYS F 196 10.96 -8.69 -16.69
CA LYS F 196 10.21 -7.64 -17.39
C LYS F 196 9.35 -6.94 -16.35
N ARG F 197 8.97 -5.74 -16.70
CA ARG F 197 8.11 -4.88 -15.85
C ARG F 197 7.00 -4.32 -16.74
N GLY F 198 6.01 -3.72 -16.12
CA GLY F 198 4.87 -3.12 -16.78
C GLY F 198 3.55 -3.20 -16.01
N ASP F 199 2.77 -2.12 -16.13
CA ASP F 199 1.44 -2.15 -15.41
C ASP F 199 0.58 -1.05 -16.00
N ALA F 200 -0.65 -0.95 -15.61
CA ALA F 200 -1.67 0.00 -15.89
C ALA F 200 -1.43 0.95 -14.68
N CYS F 201 -1.90 2.14 -14.66
CA CYS F 201 -1.57 2.93 -13.39
C CYS F 201 -2.70 3.90 -13.31
N GLU F 202 -2.76 4.84 -12.41
CA GLU F 202 -3.94 5.75 -12.40
C GLU F 202 -4.08 6.56 -13.66
N GLY F 203 -5.35 6.64 -14.07
CA GLY F 203 -5.71 7.40 -15.30
C GLY F 203 -5.98 6.41 -16.41
N ASP F 204 -5.66 5.13 -16.16
CA ASP F 204 -5.91 4.11 -17.17
C ASP F 204 -7.26 3.38 -17.00
N SER F 205 -7.93 3.45 -15.94
CA SER F 205 -9.20 2.70 -15.75
C SER F 205 -10.17 2.93 -16.89
N GLY F 206 -10.97 1.88 -17.07
CA GLY F 206 -11.96 1.91 -18.15
C GLY F 206 -11.31 1.39 -19.40
N GLY F 207 -9.99 1.54 -19.61
CA GLY F 207 -9.40 1.08 -20.83
C GLY F 207 -9.43 -0.39 -21.05
N PRO F 208 -9.15 -0.81 -22.30
CA PRO F 208 -9.16 -2.20 -22.67
C PRO F 208 -7.97 -3.10 -22.50
N PHE F 209 -8.25 -4.34 -22.05
CA PHE F 209 -7.17 -5.37 -21.97
C PHE F 209 -7.57 -6.21 -23.20
N VAL F 210 -6.82 -6.31 -24.27
CA VAL F 210 -7.24 -7.09 -25.45
C VAL F 210 -6.26 -8.16 -25.86
N MET F 211 -6.80 -9.14 -26.58
CA MET F 211 -5.88 -10.23 -27.05
C MET F 211 -6.14 -10.40 -28.49
N LYS F 212 -5.21 -10.72 -29.32
CA LYS F 212 -5.36 -10.94 -30.76
C LYS F 212 -5.51 -12.43 -31.03
N SER F 213 -6.63 -12.81 -31.65
CA SER F 213 -6.96 -14.17 -32.02
C SER F 213 -6.10 -14.69 -33.17
N PRO F 214 -5.51 -15.86 -32.92
CA PRO F 214 -4.66 -16.56 -33.92
C PRO F 214 -5.49 -17.35 -34.91
N TYR F 215 -6.78 -17.52 -34.57
CA TYR F 215 -7.76 -18.21 -35.42
C TYR F 215 -8.19 -17.28 -36.57
N ASN F 216 -8.71 -16.18 -36.11
CA ASN F 216 -9.24 -15.05 -36.90
C ASN F 216 -8.45 -13.84 -36.44
N ASN F 217 -7.63 -13.19 -37.20
CA ASN F 217 -6.78 -12.07 -36.77
C ASN F 217 -7.48 -10.88 -36.18
N ARG F 218 -8.46 -11.08 -35.34
CA ARG F 218 -9.23 -10.08 -34.69
C ARG F 218 -8.86 -9.90 -33.22
N TRP F 219 -9.08 -8.68 -32.79
CA TRP F 219 -8.82 -8.23 -31.43
C TRP F 219 -10.10 -8.29 -30.65
N TYR F 220 -10.07 -9.04 -29.57
CA TYR F 220 -11.16 -9.26 -28.67
C TYR F 220 -10.79 -8.57 -27.34
N GLN F 221 -11.74 -8.01 -26.68
CA GLN F 221 -11.54 -7.32 -25.41
C GLN F 221 -11.82 -8.32 -24.31
N MET F 222 -10.76 -8.64 -23.60
CA MET F 222 -10.99 -9.65 -22.46
C MET F 222 -11.11 -8.98 -21.19
N GLY F 223 -10.55 -7.75 -20.95
CA GLY F 223 -10.73 -7.10 -19.62
C GLY F 223 -10.80 -5.60 -19.71
N ILE F 224 -11.08 -4.93 -18.62
CA ILE F 224 -11.18 -3.52 -18.42
C ILE F 224 -10.18 -3.17 -17.27
N VAL F 225 -9.35 -2.19 -17.46
CA VAL F 225 -8.41 -1.81 -16.34
C VAL F 225 -9.32 -1.50 -15.19
N SER F 226 -9.13 -2.11 -14.03
CA SER F 226 -9.98 -1.90 -12.84
C SER F 226 -9.21 -1.28 -11.71
N TRP F 227 -8.53 -2.10 -10.88
CA TRP F 227 -7.80 -1.61 -9.71
C TRP F 227 -6.45 -2.26 -9.52
N GLY F 228 -5.75 -1.75 -8.50
CA GLY F 228 -4.38 -2.31 -8.19
C GLY F 228 -4.01 -1.73 -6.80
N GLU F 229 -2.79 -1.97 -6.47
CA GLU F 229 -2.11 -1.52 -5.22
C GLU F 229 -0.80 -0.95 -5.67
N GLY F 230 -0.86 0.36 -5.89
CA GLY F 230 0.30 1.14 -6.41
C GLY F 230 0.31 0.79 -7.91
N CYS F 231 1.47 0.86 -8.52
CA CYS F 231 1.64 0.52 -9.91
C CYS F 231 3.00 -0.15 -10.14
N ASP F 232 2.91 -1.39 -10.55
CA ASP F 232 4.15 -2.11 -10.87
C ASP F 232 4.99 -2.47 -9.65
N ARG F 233 4.36 -2.63 -8.52
CA ARG F 233 5.17 -3.06 -7.34
C ARG F 233 5.49 -4.53 -7.58
N ASP F 234 6.67 -4.93 -7.16
CA ASP F 234 7.08 -6.34 -7.28
C ASP F 234 6.12 -7.12 -6.35
N GLY F 235 5.57 -8.19 -6.81
CA GLY F 235 4.66 -9.04 -6.01
C GLY F 235 3.21 -8.67 -6.12
N LYS F 236 2.85 -7.52 -6.70
CA LYS F 236 1.45 -7.05 -6.87
C LYS F 236 1.02 -7.28 -8.30
N TYR F 237 -0.28 -7.30 -8.59
CA TYR F 237 -0.74 -7.49 -9.97
C TYR F 237 -1.91 -6.54 -10.29
N GLY F 238 -1.99 -6.02 -11.51
CA GLY F 238 -3.23 -5.17 -11.68
C GLY F 238 -4.40 -6.16 -11.93
N PHE F 239 -5.57 -5.66 -11.62
CA PHE F 239 -6.87 -6.38 -11.75
C PHE F 239 -7.81 -5.71 -12.78
N TYR F 240 -8.34 -6.54 -13.66
CA TYR F 240 -9.19 -6.33 -14.74
C TYR F 240 -10.55 -7.02 -14.67
N THR F 241 -11.59 -6.32 -15.09
CA THR F 241 -12.95 -6.83 -15.18
C THR F 241 -12.95 -7.89 -16.27
N HIS F 242 -13.58 -9.02 -15.82
CA HIS F 242 -13.64 -10.23 -16.69
C HIS F 242 -14.77 -10.06 -17.66
N VAL F 243 -14.52 -9.50 -18.84
CA VAL F 243 -15.54 -9.22 -19.82
C VAL F 243 -16.34 -10.44 -20.25
N PHE F 244 -15.74 -11.55 -20.60
CA PHE F 244 -16.54 -12.71 -21.02
C PHE F 244 -17.51 -13.16 -19.93
N ARG F 245 -17.23 -12.98 -18.64
CA ARG F 245 -18.18 -13.45 -17.62
C ARG F 245 -19.35 -12.48 -17.42
N LEU F 246 -19.10 -11.24 -17.84
CA LEU F 246 -20.22 -10.27 -17.69
C LEU F 246 -20.99 -10.14 -18.98
N LYS F 247 -20.60 -10.88 -20.00
CA LYS F 247 -21.25 -10.79 -21.32
C LYS F 247 -22.72 -11.04 -21.40
N LYS F 248 -23.39 -11.82 -20.57
CA LYS F 248 -24.82 -12.01 -20.66
C LYS F 248 -25.53 -10.74 -20.19
N TRP F 249 -24.88 -10.06 -19.25
CA TRP F 249 -25.47 -8.80 -18.75
C TRP F 249 -25.33 -7.74 -19.87
N ILE F 250 -24.21 -7.79 -20.59
CA ILE F 250 -23.96 -6.81 -21.68
C ILE F 250 -25.03 -6.94 -22.76
N GLN F 251 -25.22 -8.21 -23.18
CA GLN F 251 -26.26 -8.47 -24.24
C GLN F 251 -27.62 -8.18 -23.64
N LYS F 252 -27.85 -8.49 -22.38
CA LYS F 252 -29.18 -8.17 -21.79
C LYS F 252 -29.51 -6.70 -21.88
N VAL F 253 -28.58 -5.75 -21.73
CA VAL F 253 -28.86 -4.34 -21.84
C VAL F 253 -28.90 -3.85 -23.30
N ILE F 254 -28.07 -4.35 -24.16
CA ILE F 254 -28.00 -3.91 -25.55
C ILE F 254 -29.14 -4.39 -26.45
N ASP F 255 -29.72 -5.52 -26.18
CA ASP F 255 -30.83 -6.13 -26.88
C ASP F 255 -32.17 -5.72 -26.20
N ARG F 256 -31.99 -5.19 -25.00
CA ARG F 256 -33.08 -4.74 -24.15
C ARG F 256 -33.78 -5.93 -23.50
N LEU F 257 -33.10 -7.04 -23.56
CA LEU F 257 -33.47 -8.35 -23.04
C LEU F 257 -32.95 -9.41 -24.04
N GLY F 258 -31.96 -10.11 -23.55
CA GLY F 258 -31.26 -11.18 -24.30
C GLY F 258 -30.93 -12.23 -23.20
N SER F 259 -31.32 -11.79 -22.02
CA SER F 259 -31.24 -12.41 -20.72
C SER F 259 -31.75 -11.33 -19.71
C ACE G 1 -14.49 -4.70 3.49
O ACE G 1 -15.61 -4.11 3.32
CH3 ACE G 1 -14.42 -6.01 4.17
N ASP G 2 -13.34 -4.02 3.38
CA ASP G 2 -13.37 -2.61 2.93
C ASP G 2 -12.13 -2.42 2.06
N PHE G 3 -12.41 -2.18 0.79
CA PHE G 3 -11.43 -1.99 -0.28
C PHE G 3 -10.31 -1.01 0.05
N LEU G 4 -10.69 0.15 0.55
CA LEU G 4 -9.85 1.25 0.96
C LEU G 4 -8.96 0.99 2.17
N ALA G 5 -9.59 0.51 3.24
CA ALA G 5 -8.93 0.16 4.46
C ALA G 5 -7.79 -0.82 4.21
N GLU G 6 -8.06 -1.83 3.40
CA GLU G 6 -7.14 -2.90 3.05
C GLU G 6 -6.12 -2.53 2.00
N GLY G 7 -6.17 -1.32 1.49
CA GLY G 7 -5.29 -0.77 0.51
C GLY G 7 -5.49 -0.75 -0.93
N GLY G 8 -6.49 -1.36 -1.53
CA GLY G 8 -6.69 -1.32 -2.97
C GLY G 8 -6.95 0.10 -3.49
N GLY G 9 -6.56 0.27 -4.76
CA GLY G 9 -6.73 1.59 -5.41
C GLY G 9 -7.40 1.53 -6.78
N VAL G 10 -8.48 2.28 -6.90
CA VAL G 10 -9.23 2.34 -8.23
C VAL G 10 -8.24 2.99 -9.15
N ARG G 11 -8.12 2.55 -10.37
CA ARG G 11 -7.16 3.17 -11.33
C ARG G 11 -7.95 4.17 -12.16
N THR H 14 14.69 -46.74 2.47
CA THR H 14 14.35 -46.57 3.88
C THR H 14 12.96 -45.95 4.00
N PHE H 15 12.41 -46.02 5.19
CA PHE H 15 11.09 -45.46 5.53
C PHE H 15 11.31 -44.87 6.95
N GLY H 16 10.20 -44.82 7.66
CA GLY H 16 10.22 -44.32 9.06
C GLY H 16 10.66 -45.58 9.88
N ALA H 17 10.68 -46.66 9.11
CA ALA H 17 11.03 -47.99 9.57
C ALA H 17 12.35 -47.98 10.34
N GLY H 18 13.22 -47.07 9.93
CA GLY H 18 14.54 -46.92 10.58
C GLY H 18 14.36 -47.19 12.08
N GLU H 19 13.40 -46.47 12.65
CA GLU H 19 13.05 -46.54 14.06
C GLU H 19 11.62 -46.99 14.27
N ALA H 20 11.47 -48.28 14.41
CA ALA H 20 10.19 -48.98 14.60
C ALA H 20 9.27 -48.31 15.61
N ASP H 21 9.79 -47.37 16.37
CA ASP H 21 8.99 -46.65 17.38
C ASP H 21 8.98 -45.14 17.14
N CYS H 22 9.71 -44.73 16.11
CA CYS H 22 9.80 -43.30 15.73
C CYS H 22 8.39 -42.71 15.64
N GLY H 23 8.23 -41.49 16.06
CA GLY H 23 7.02 -40.72 16.02
C GLY H 23 5.93 -40.82 16.99
N LEU H 24 6.08 -41.69 17.99
CA LEU H 24 5.03 -41.89 19.04
C LEU H 24 5.56 -41.26 20.32
N ARG H 25 4.95 -40.22 20.79
CA ARG H 25 5.40 -39.50 21.97
C ARG H 25 5.04 -40.06 23.33
N PRO H 26 6.08 -40.37 24.10
CA PRO H 26 5.96 -40.88 25.45
C PRO H 26 4.68 -40.36 26.07
N LEU H 27 4.74 -39.09 26.41
CA LEU H 27 3.70 -38.31 27.02
C LEU H 27 2.45 -38.07 26.18
N PHE H 28 2.42 -38.43 24.92
CA PHE H 28 1.17 -38.12 24.14
C PHE H 28 0.58 -39.36 23.50
N GLU H 29 1.02 -39.72 22.32
CA GLU H 29 0.48 -40.91 21.64
C GLU H 29 0.51 -42.09 22.60
N LYS H 30 1.72 -42.39 23.06
CA LYS H 30 1.98 -43.50 23.98
C LYS H 30 1.01 -43.58 25.15
N LYS H 31 0.41 -42.50 25.56
CA LYS H 31 -0.54 -42.46 26.67
C LYS H 31 -1.87 -41.84 26.22
N GLN H 32 -2.21 -42.02 24.97
CA GLN H 32 -3.42 -41.50 24.34
C GLN H 32 -3.87 -40.13 24.80
N VAL H 33 -2.92 -39.23 24.98
CA VAL H 33 -3.13 -37.84 25.35
C VAL H 33 -3.01 -37.07 23.99
N GLN H 34 -3.81 -36.04 23.85
CA GLN H 34 -3.84 -35.18 22.68
C GLN H 34 -3.16 -33.86 23.10
N ASP H 35 -2.37 -33.30 22.19
CA ASP H 35 -1.71 -32.00 22.60
C ASP H 35 -2.70 -30.88 22.34
N GLN H 36 -2.46 -29.72 22.93
CA GLN H 36 -3.31 -28.55 22.81
C GLN H 36 -3.65 -28.07 21.42
N THR H 37 -2.87 -28.40 20.37
CA THR H 37 -3.14 -27.91 19.03
C THR H 37 -3.09 -28.92 17.91
N GLU H 38 -2.84 -30.13 18.16
CA GLU H 38 -2.77 -31.25 17.25
C GLU H 38 -4.02 -31.40 16.38
N LYS H 39 -5.13 -30.97 16.95
CA LYS H 39 -6.46 -31.00 16.39
C LYS H 39 -6.58 -30.14 15.12
N GLU H 40 -5.85 -29.04 15.24
CA GLU H 40 -5.73 -28.02 14.19
C GLU H 40 -5.13 -28.66 12.95
N LEU H 41 -4.16 -29.53 13.13
CA LEU H 41 -3.51 -30.22 12.02
C LEU H 41 -4.47 -31.28 11.47
N PHE H 42 -5.38 -31.69 12.37
CA PHE H 42 -6.33 -32.76 11.95
C PHE H 42 -7.41 -32.28 11.01
N GLU H 43 -8.01 -31.14 11.28
CA GLU H 43 -9.04 -30.58 10.45
C GLU H 43 -8.54 -30.12 9.07
N SER H 44 -7.26 -29.86 8.92
CA SER H 44 -6.67 -29.39 7.67
C SER H 44 -6.68 -30.48 6.62
N TYR H 45 -6.81 -31.69 7.13
CA TYR H 45 -6.85 -32.90 6.31
C TYR H 45 -8.28 -33.19 5.84
N ILE H 46 -9.27 -32.71 6.57
CA ILE H 46 -10.64 -33.01 6.11
C ILE H 46 -11.33 -31.73 5.67
N GLU H 47 -10.66 -30.61 5.88
CA GLU H 47 -11.23 -29.30 5.42
C GLU H 47 -11.03 -29.39 3.89
N GLY H 48 -12.13 -29.39 3.16
CA GLY H 48 -12.31 -29.51 1.81
C GLY H 48 -11.72 -28.92 0.61
N ARG H 49 -12.01 -27.64 0.34
CA ARG H 49 -11.53 -26.94 -0.85
C ARG H 49 -10.84 -25.62 -0.58
N ILE I 1 10.51 -18.41 16.46
CA ILE I 1 9.15 -18.60 15.98
C ILE I 1 8.31 -17.37 16.31
N VAL I 2 7.80 -16.75 15.24
CA VAL I 2 6.96 -15.57 15.37
C VAL I 2 5.47 -15.94 15.47
N GLU I 3 4.79 -15.39 16.46
CA GLU I 3 3.36 -15.62 16.67
C GLU I 3 3.02 -17.04 17.07
N GLY I 4 3.90 -17.68 17.80
CA GLY I 4 3.69 -19.06 18.24
C GLY I 4 3.18 -19.02 19.69
N GLN I 5 3.31 -20.16 20.31
CA GLN I 5 2.91 -20.33 21.71
C GLN I 5 3.92 -21.27 22.38
N ASP I 6 4.02 -21.04 23.67
CA ASP I 6 4.89 -21.79 24.62
C ASP I 6 4.50 -23.23 24.51
N ALA I 7 5.39 -24.13 24.20
CA ALA I 7 5.10 -25.56 24.05
C ALA I 7 4.77 -26.21 25.39
N GLU I 8 4.29 -27.44 25.21
CA GLU I 8 3.91 -28.27 26.38
C GLU I 8 5.15 -29.17 26.55
N VAL I 9 5.43 -29.42 27.83
CA VAL I 9 6.61 -30.28 28.14
C VAL I 9 6.33 -31.60 27.43
N GLY I 10 7.32 -32.03 26.64
CA GLY I 10 7.24 -33.27 25.89
C GLY I 10 6.62 -33.17 24.52
N LEU I 11 6.20 -31.97 24.14
CA LEU I 11 5.56 -31.81 22.80
C LEU I 11 6.48 -32.26 21.68
N SER I 12 7.77 -31.92 21.78
CA SER I 12 8.69 -32.30 20.69
C SER I 12 9.95 -32.98 21.12
N PRO I 13 9.79 -34.25 21.46
CA PRO I 13 10.86 -35.12 21.93
C PRO I 13 12.11 -35.18 21.08
N TRP I 14 11.97 -34.82 19.81
CA TRP I 14 13.05 -34.86 18.83
C TRP I 14 13.77 -33.53 18.68
N GLN I 15 13.34 -32.58 19.52
CA GLN I 15 13.89 -31.25 19.52
C GLN I 15 15.27 -31.22 20.16
N VAL I 16 16.30 -31.13 19.35
CA VAL I 16 17.70 -31.01 19.71
C VAL I 16 18.14 -29.53 19.64
N MET I 17 18.98 -29.15 20.58
CA MET I 17 19.55 -27.77 20.63
C MET I 17 21.02 -27.83 20.18
N LEU I 18 21.37 -27.02 19.20
CA LEU I 18 22.87 -27.06 18.74
C LEU I 18 23.53 -25.93 19.52
N PHE I 19 24.62 -26.26 20.22
CA PHE I 19 25.33 -25.31 21.12
C PHE I 19 26.84 -25.27 21.01
N ARG I 20 27.35 -24.05 21.13
CA ARG I 20 28.80 -23.75 21.04
C ARG I 20 29.44 -23.89 22.41
N LYS I 21 30.57 -24.58 22.40
CA LYS I 21 31.34 -24.83 23.65
C LYS I 21 31.85 -23.52 24.22
N SER I 22 32.70 -22.81 23.49
CA SER I 22 33.24 -21.52 23.88
C SER I 22 33.29 -20.58 22.65
N PRO I 23 32.66 -19.44 22.71
CA PRO I 23 31.83 -18.97 23.83
C PRO I 23 30.49 -19.69 23.72
N GLN I 24 29.95 -19.99 24.88
CA GLN I 24 28.65 -20.68 24.97
C GLN I 24 27.55 -19.85 24.34
N GLU I 25 27.05 -20.34 23.21
CA GLU I 25 25.94 -19.66 22.52
C GLU I 25 24.97 -20.77 22.03
N LEU I 26 23.78 -20.26 21.70
CA LEU I 26 22.72 -21.11 21.11
C LEU I 26 22.97 -20.84 19.60
N LEU I 27 23.25 -21.88 18.87
CA LEU I 27 23.52 -21.73 17.45
C LEU I 27 22.25 -21.98 16.62
N CYS I 28 21.67 -23.14 16.74
CA CYS I 28 20.50 -23.55 16.00
C CYS I 28 19.68 -24.58 16.77
N GLY I 29 18.74 -25.10 15.95
CA GLY I 29 17.81 -26.13 16.31
C GLY I 29 18.29 -27.30 15.43
N ALA I 30 17.71 -28.44 15.72
CA ALA I 30 18.01 -29.70 15.01
C ALA I 30 16.99 -30.73 15.49
N SER I 31 16.96 -31.87 14.88
CA SER I 31 16.04 -32.96 15.25
C SER I 31 16.77 -34.28 15.36
N LEU I 32 16.31 -35.09 16.27
CA LEU I 32 16.80 -36.45 16.59
C LEU I 32 16.15 -37.45 15.69
N ILE I 33 16.81 -38.20 14.86
CA ILE I 33 16.19 -39.20 13.98
C ILE I 33 16.46 -40.66 14.38
N SER I 34 17.42 -40.89 15.23
CA SER I 34 17.80 -42.24 15.72
C SER I 34 18.44 -41.97 17.07
N ASP I 35 18.99 -42.97 17.69
CA ASP I 35 19.62 -42.74 19.03
C ASP I 35 21.04 -42.21 18.84
N ARG I 36 21.51 -42.22 17.61
CA ARG I 36 22.86 -41.71 17.28
C ARG I 36 22.95 -40.64 16.21
N TRP I 37 21.85 -40.17 15.65
CA TRP I 37 21.92 -39.17 14.56
C TRP I 37 20.93 -38.02 14.62
N VAL I 38 21.51 -36.85 14.39
CA VAL I 38 20.85 -35.54 14.37
C VAL I 38 20.88 -34.92 12.98
N LEU I 39 19.76 -34.27 12.67
CA LEU I 39 19.55 -33.57 11.38
C LEU I 39 19.42 -32.07 11.61
N THR I 40 20.05 -31.32 10.72
CA THR I 40 20.01 -29.83 10.82
C THR I 40 20.31 -29.28 9.45
N ALA I 41 20.37 -27.97 9.33
CA ALA I 41 20.68 -27.26 8.07
C ALA I 41 22.16 -27.04 7.96
N ALA I 42 22.79 -27.31 6.85
CA ALA I 42 24.21 -27.03 6.67
C ALA I 42 24.58 -25.62 7.07
N HIS I 43 23.82 -24.58 6.81
CA HIS I 43 24.19 -23.17 7.16
C HIS I 43 24.36 -22.96 8.64
N CYS I 44 23.95 -23.96 9.40
CA CYS I 44 24.12 -23.89 10.86
C CYS I 44 25.60 -24.09 11.24
N LEU I 45 26.30 -24.91 10.46
CA LEU I 45 27.70 -25.27 10.63
C LEU I 45 28.62 -24.52 9.65
N LEU I 46 28.20 -24.45 8.40
CA LEU I 46 28.95 -23.77 7.38
C LEU I 46 28.27 -22.65 6.66
N TYR I 47 28.54 -21.42 7.12
CA TYR I 47 27.95 -20.25 6.38
C TYR I 47 29.04 -19.21 6.27
N PRO I 48 29.72 -19.23 5.16
CA PRO I 48 30.84 -18.29 4.90
C PRO I 48 30.56 -16.84 5.04
N PRO I 49 29.57 -16.24 4.43
CA PRO I 49 29.30 -14.77 4.59
C PRO I 49 29.38 -14.33 6.03
N TRP I 50 29.28 -15.23 6.98
CA TRP I 50 29.37 -14.88 8.44
C TRP I 50 30.55 -15.59 9.09
N ASP I 51 31.48 -16.07 8.29
CA ASP I 51 32.63 -16.75 8.83
C ASP I 51 32.28 -17.91 9.78
N LYS I 52 31.24 -18.65 9.44
CA LYS I 52 30.85 -19.81 10.27
C LYS I 52 31.53 -21.02 9.60
N ASN I 53 32.15 -21.80 10.44
CA ASN I 53 32.86 -23.02 10.01
C ASN I 53 33.17 -23.84 11.28
N PHE I 54 32.11 -24.33 11.93
CA PHE I 54 32.31 -25.12 13.16
C PHE I 54 32.76 -26.54 12.79
N THR I 55 33.58 -27.08 13.65
CA THR I 55 34.13 -28.44 13.59
C THR I 55 33.60 -29.22 14.82
N VAL I 56 33.80 -30.52 14.72
CA VAL I 56 33.26 -31.39 15.81
C VAL I 56 33.65 -30.91 17.18
N ASP I 57 34.77 -30.22 17.36
CA ASP I 57 35.20 -29.75 18.67
C ASP I 57 34.56 -28.49 19.15
N ASP I 58 33.81 -27.82 18.32
CA ASP I 58 33.16 -26.55 18.64
C ASP I 58 31.74 -26.70 19.18
N LEU I 59 31.13 -27.84 18.97
CA LEU I 59 29.78 -28.16 19.28
C LEU I 59 29.37 -29.17 20.29
N LEU I 60 28.32 -28.86 21.03
CA LEU I 60 27.66 -29.69 22.04
C LEU I 60 26.23 -29.90 21.50
N VAL I 61 25.57 -30.96 21.89
CA VAL I 61 24.22 -31.28 21.49
C VAL I 61 23.38 -31.40 22.76
N ARG I 62 22.35 -30.60 22.95
CA ARG I 62 21.52 -30.69 24.19
C ARG I 62 20.09 -31.12 23.90
N ILE I 63 19.77 -32.36 24.17
CA ILE I 63 18.48 -33.01 23.95
C ILE I 63 17.63 -32.98 25.22
N GLY I 64 16.33 -33.15 25.03
CA GLY I 64 15.33 -33.11 26.05
C GLY I 64 15.04 -31.77 26.65
N LYS I 65 15.48 -30.67 26.08
CA LYS I 65 15.21 -29.33 26.66
C LYS I 65 13.82 -28.78 26.38
N HIS I 66 13.52 -27.76 27.18
CA HIS I 66 12.27 -27.02 27.23
C HIS I 66 12.62 -25.56 27.48
N SER I 67 13.19 -25.26 28.63
CA SER I 67 13.58 -23.86 28.90
C SER I 67 14.76 -23.61 27.93
N ARG I 68 14.77 -22.43 27.36
CA ARG I 68 15.82 -22.04 26.42
C ARG I 68 17.13 -21.97 27.23
N THR I 69 17.04 -21.10 28.20
CA THR I 69 17.97 -20.62 29.15
C THR I 69 18.53 -21.44 30.28
N ARG I 70 17.99 -22.60 30.64
CA ARG I 70 18.62 -23.27 31.80
C ARG I 70 18.97 -24.70 31.60
N TYR I 71 19.83 -25.13 32.54
CA TYR I 71 20.34 -26.49 32.62
C TYR I 71 19.22 -27.32 33.25
N GLU I 72 18.70 -28.21 32.42
CA GLU I 72 17.57 -29.06 32.85
C GLU I 72 17.99 -30.47 33.17
N ARG I 73 18.63 -30.49 34.34
CA ARG I 73 19.20 -31.54 35.12
C ARG I 73 18.51 -32.89 35.01
N LYS I 74 17.24 -32.92 35.39
CA LYS I 74 16.45 -34.16 35.36
C LYS I 74 16.21 -34.69 33.96
N VAL I 75 15.97 -33.78 33.04
CA VAL I 75 15.63 -34.13 31.65
C VAL I 75 16.60 -33.97 30.54
N GLU I 76 17.56 -33.06 30.58
CA GLU I 76 18.46 -32.93 29.40
C GLU I 76 19.69 -33.79 29.43
N LYS I 77 20.08 -34.10 28.22
CA LYS I 77 21.22 -34.91 27.83
C LYS I 77 22.07 -34.05 26.86
N ILE I 78 23.33 -34.02 27.19
CA ILE I 78 24.37 -33.32 26.49
C ILE I 78 25.36 -34.34 25.93
N SER I 79 25.59 -34.30 24.64
CA SER I 79 26.55 -35.17 23.99
C SER I 79 27.47 -34.20 23.17
N MET I 80 28.50 -34.86 22.73
CA MET I 80 29.57 -34.30 21.91
C MET I 80 29.37 -35.08 20.61
N LEU I 81 29.96 -34.66 19.52
CA LEU I 81 29.71 -35.42 18.28
C LEU I 81 30.94 -36.16 17.87
N ASP I 82 30.75 -37.01 16.87
CA ASP I 82 31.85 -37.80 16.33
C ASP I 82 32.16 -37.38 14.90
N LYS I 83 31.13 -36.92 14.21
CA LYS I 83 31.34 -36.48 12.81
C LYS I 83 30.27 -35.56 12.28
N ILE I 84 30.63 -34.82 11.24
CA ILE I 84 29.73 -33.89 10.57
C ILE I 84 29.67 -34.22 9.06
N TYR I 85 28.44 -34.33 8.62
CA TYR I 85 28.17 -34.65 7.20
C TYR I 85 27.39 -33.54 6.54
N ILE I 86 27.99 -32.76 5.70
CA ILE I 86 27.35 -31.65 4.97
C ILE I 86 27.12 -32.07 3.51
N HIS I 87 25.91 -31.70 3.04
CA HIS I 87 25.61 -32.09 1.62
C HIS I 87 26.75 -31.53 0.74
N PRO I 88 27.26 -32.41 -0.11
CA PRO I 88 28.34 -32.13 -1.02
C PRO I 88 28.00 -31.09 -2.08
N ARG I 89 26.73 -30.96 -2.37
CA ARG I 89 26.18 -30.04 -3.36
C ARG I 89 25.41 -28.86 -2.78
N TYR I 90 25.55 -28.57 -1.54
CA TYR I 90 24.92 -27.49 -0.80
C TYR I 90 25.51 -26.20 -1.35
N ASN I 91 24.57 -25.31 -1.59
CA ASN I 91 24.78 -23.98 -2.18
C ASN I 91 24.42 -22.85 -1.23
N TRP I 92 25.40 -22.16 -0.67
CA TRP I 92 25.13 -21.06 0.23
C TRP I 92 25.14 -19.74 -0.54
N LYS I 93 25.78 -19.69 -1.73
CA LYS I 93 25.87 -18.36 -2.40
C LYS I 93 24.65 -17.92 -3.15
N GLU I 94 24.10 -18.74 -3.99
CA GLU I 94 22.94 -18.48 -4.78
C GLU I 94 21.56 -18.57 -4.20
N ASN I 95 21.17 -19.64 -3.53
CA ASN I 95 19.82 -19.84 -3.03
C ASN I 95 19.59 -20.88 -1.95
N LEU I 96 20.59 -21.23 -1.18
CA LEU I 96 20.57 -22.17 -0.09
C LEU I 96 20.03 -23.52 -0.45
N ASP I 97 20.36 -24.03 -1.61
CA ASP I 97 19.93 -25.36 -2.10
C ASP I 97 20.64 -26.44 -1.21
N ARG I 98 19.93 -27.53 -1.08
CA ARG I 98 20.31 -28.68 -0.26
C ARG I 98 20.88 -28.23 1.06
N ASP I 99 20.10 -27.42 1.79
CA ASP I 99 20.57 -26.94 3.09
C ASP I 99 20.34 -28.04 4.13
N ILE I 100 21.23 -29.01 4.14
CA ILE I 100 21.09 -30.13 5.16
C ILE I 100 22.39 -30.75 5.60
N ALA I 101 22.43 -31.13 6.89
CA ALA I 101 23.58 -31.77 7.51
C ALA I 101 23.15 -32.84 8.54
N LEU I 102 23.97 -33.87 8.63
CA LEU I 102 23.85 -35.01 9.52
C LEU I 102 24.95 -34.99 10.60
N LEU I 103 24.61 -34.99 11.84
CA LEU I 103 25.49 -35.00 13.01
C LEU I 103 25.46 -36.38 13.69
N LYS I 104 26.54 -37.12 13.65
CA LYS I 104 26.67 -38.47 14.28
C LYS I 104 27.09 -38.36 15.74
N LEU I 105 26.20 -38.72 16.66
CA LEU I 105 26.51 -38.58 18.10
C LEU I 105 27.73 -39.41 18.50
N LYS I 106 28.54 -38.84 19.40
CA LYS I 106 29.78 -39.47 19.87
C LYS I 106 29.55 -40.92 20.29
N ARG I 107 28.63 -41.06 21.22
CA ARG I 107 28.18 -42.35 21.77
C ARG I 107 26.65 -42.19 21.88
N PRO I 108 25.95 -43.27 21.51
CA PRO I 108 24.50 -43.31 21.52
C PRO I 108 23.87 -42.75 22.77
N ILE I 109 22.73 -42.11 22.59
CA ILE I 109 21.90 -41.48 23.59
C ILE I 109 20.81 -42.43 24.10
N GLU I 110 20.26 -42.03 25.24
CA GLU I 110 19.22 -42.79 25.90
C GLU I 110 17.85 -42.11 25.88
N LEU I 111 16.99 -42.77 25.10
CA LEU I 111 15.60 -42.38 24.86
C LEU I 111 14.87 -42.23 26.17
N SER I 112 13.73 -41.56 26.13
CA SER I 112 12.96 -41.32 27.35
C SER I 112 11.67 -40.57 27.06
N ASP I 113 11.12 -40.08 28.16
CA ASP I 113 9.85 -39.33 28.08
C ASP I 113 10.01 -38.12 27.15
N TYR I 114 11.10 -37.42 27.34
CA TYR I 114 11.49 -36.21 26.67
C TYR I 114 12.46 -36.36 25.51
N ILE I 115 12.90 -37.57 25.28
CA ILE I 115 13.84 -37.83 24.20
C ILE I 115 13.39 -38.99 23.37
N HIS I 116 13.01 -38.70 22.12
CA HIS I 116 12.59 -39.86 21.24
C HIS I 116 12.63 -39.36 19.82
N PRO I 117 13.06 -40.20 18.89
CA PRO I 117 13.16 -39.87 17.48
C PRO I 117 11.85 -39.68 16.75
N VAL I 118 11.96 -38.90 15.68
CA VAL I 118 10.86 -38.55 14.77
C VAL I 118 11.06 -39.43 13.55
N CYS I 119 10.02 -39.69 12.79
CA CYS I 119 10.18 -40.54 11.59
C CYS I 119 10.53 -39.65 10.39
N LEU I 120 11.19 -40.21 9.45
CA LEU I 120 11.62 -39.72 8.16
C LEU I 120 10.54 -40.35 7.23
N PRO I 121 10.00 -39.57 6.32
CA PRO I 121 8.93 -40.06 5.47
C PRO I 121 9.43 -40.97 4.36
N ASP I 122 8.49 -41.77 3.88
CA ASP I 122 8.69 -42.74 2.80
C ASP I 122 7.91 -42.22 1.58
N LYS I 123 8.08 -42.86 0.44
CA LYS I 123 7.38 -42.44 -0.77
C LYS I 123 5.88 -42.26 -0.60
N GLN I 124 5.23 -43.04 0.26
CA GLN I 124 3.79 -42.96 0.44
C GLN I 124 3.30 -41.86 1.35
N THR I 125 3.99 -41.61 2.43
CA THR I 125 3.58 -40.53 3.37
C THR I 125 3.83 -39.19 2.66
N ALA I 126 4.89 -39.26 1.84
CA ALA I 126 5.26 -38.06 1.04
C ALA I 126 4.04 -37.74 0.15
N ALA I 127 3.76 -38.71 -0.70
CA ALA I 127 2.67 -38.61 -1.66
C ALA I 127 1.36 -38.21 -1.03
N LYS I 128 1.05 -38.74 0.13
CA LYS I 128 -0.16 -38.45 0.86
C LYS I 128 -0.20 -37.21 1.72
N LEU I 129 0.87 -36.81 2.36
CA LEU I 129 0.85 -35.63 3.26
C LEU I 129 1.21 -34.30 2.61
N LEU I 130 2.06 -34.28 1.62
CA LEU I 130 2.45 -32.99 0.98
C LEU I 130 1.37 -32.43 0.08
N HIS I 131 0.50 -31.57 0.59
CA HIS I 131 -0.57 -30.99 -0.22
C HIS I 131 -0.87 -29.59 0.32
N ALA I 132 -0.99 -28.66 -0.65
CA ALA I 132 -1.29 -27.26 -0.25
C ALA I 132 -2.44 -27.29 0.72
N GLY I 133 -2.41 -26.52 1.79
CA GLY I 133 -3.58 -26.55 2.69
C GLY I 133 -3.34 -27.42 3.91
N PHE I 134 -2.62 -28.52 3.71
CA PHE I 134 -2.31 -29.39 4.86
C PHE I 134 -1.31 -28.61 5.74
N LYS I 135 -1.46 -28.76 7.03
CA LYS I 135 -0.63 -28.12 8.04
C LYS I 135 0.44 -29.02 8.67
N GLY I 136 1.56 -28.34 8.91
CA GLY I 136 2.76 -28.97 9.52
C GLY I 136 2.95 -28.16 10.81
N ARG I 137 3.94 -28.53 11.54
CA ARG I 137 4.28 -27.89 12.84
C ARG I 137 5.75 -27.51 12.84
N VAL I 138 6.04 -26.43 13.51
CA VAL I 138 7.40 -25.89 13.66
C VAL I 138 7.59 -25.43 15.11
N THR I 139 8.73 -25.78 15.67
CA THR I 139 9.15 -25.46 17.02
C THR I 139 10.60 -24.98 17.12
N GLY I 140 10.88 -24.06 18.01
CA GLY I 140 12.25 -23.55 18.18
C GLY I 140 12.35 -22.44 19.20
N TRP I 141 13.61 -22.09 19.50
CA TRP I 141 13.90 -21.02 20.50
C TRP I 141 14.28 -19.73 19.79
N GLY I 142 14.11 -19.68 18.50
CA GLY I 142 14.38 -18.57 17.60
C GLY I 142 13.62 -17.33 18.05
N ASN I 143 13.94 -16.24 17.35
CA ASN I 143 13.34 -14.93 17.67
C ASN I 143 11.81 -14.98 17.41
N ARG I 144 11.14 -14.19 18.23
CA ARG I 144 9.69 -14.02 18.19
C ARG I 144 9.36 -12.84 17.25
N ARG I 145 10.44 -12.25 16.75
CA ARG I 145 10.27 -11.08 15.86
C ARG I 145 11.52 -10.79 15.08
N GLU I 146 11.36 -9.93 14.07
CA GLU I 146 12.46 -9.50 13.19
C GLU I 146 13.39 -8.52 13.89
N THR I 147 14.59 -8.99 14.22
CA THR I 147 15.58 -8.13 14.89
C THR I 147 16.35 -7.38 13.79
N TRP I 148 15.80 -6.25 13.46
CA TRP I 148 16.29 -5.30 12.46
C TRP I 148 15.56 -3.99 12.80
N THR I 149 14.96 -4.09 13.98
CA THR I 149 14.16 -3.05 14.61
C THR I 149 14.47 -2.98 16.10
N THR I 150 15.75 -2.98 16.41
CA THR I 150 16.23 -2.93 17.82
C THR I 150 15.60 -4.10 18.58
N SER I 151 16.43 -5.13 18.79
CA SER I 151 15.91 -6.33 19.49
C SER I 151 16.93 -7.39 19.82
N VAL I 152 16.86 -7.85 21.06
CA VAL I 152 17.73 -8.90 21.61
C VAL I 152 17.16 -9.48 22.92
N ALA I 153 16.05 -8.94 23.36
CA ALA I 153 15.37 -9.34 24.60
C ALA I 153 13.87 -9.29 24.42
N GLU I 154 13.21 -10.19 25.12
CA GLU I 154 11.74 -10.31 25.05
C GLU I 154 11.44 -10.77 23.61
N VAL I 155 12.52 -10.74 22.82
CA VAL I 155 12.56 -11.12 21.43
C VAL I 155 12.83 -12.62 21.35
N GLN I 156 13.49 -13.08 22.40
CA GLN I 156 13.83 -14.54 22.48
C GLN I 156 12.94 -15.11 23.58
N PRO I 157 12.41 -16.27 23.29
CA PRO I 157 11.53 -16.98 24.22
C PRO I 157 12.34 -17.77 25.24
N SER I 158 11.75 -17.86 26.40
CA SER I 158 12.26 -18.58 27.57
C SER I 158 12.02 -20.08 27.43
N VAL I 159 10.86 -20.41 26.90
CA VAL I 159 10.44 -21.83 26.68
C VAL I 159 10.29 -22.10 25.19
N LEU I 160 10.37 -23.33 24.79
CA LEU I 160 10.24 -23.75 23.37
C LEU I 160 8.90 -23.28 22.84
N GLN I 161 8.83 -22.91 21.58
CA GLN I 161 7.59 -22.40 20.95
C GLN I 161 7.10 -23.31 19.82
N VAL I 162 5.78 -23.21 19.57
CA VAL I 162 5.01 -23.86 18.62
C VAL I 162 4.17 -22.86 17.73
N VAL I 163 4.06 -23.38 16.54
CA VAL I 163 3.26 -22.80 15.47
C VAL I 163 3.00 -23.92 14.44
N ASN I 164 1.73 -23.97 14.05
CA ASN I 164 1.18 -24.89 13.03
C ASN I 164 1.02 -24.03 11.76
N LEU I 165 1.59 -24.40 10.64
CA LEU I 165 1.49 -23.61 9.43
C LEU I 165 1.14 -24.50 8.22
N PRO I 166 0.35 -23.90 7.29
CA PRO I 166 -0.10 -24.55 6.09
C PRO I 166 0.91 -24.64 4.99
N LEU I 167 0.89 -25.69 4.23
CA LEU I 167 1.80 -25.82 3.07
C LEU I 167 1.20 -24.87 2.02
N VAL I 168 2.07 -24.30 1.16
CA VAL I 168 1.58 -23.36 0.12
C VAL I 168 1.83 -24.07 -1.20
N GLU I 169 1.09 -23.69 -2.22
CA GLU I 169 1.25 -24.30 -3.54
C GLU I 169 2.54 -23.68 -4.09
N ARG I 170 3.23 -24.48 -4.83
CA ARG I 170 4.48 -24.22 -5.45
C ARG I 170 4.57 -22.93 -6.24
N PRO I 171 3.70 -22.74 -7.20
CA PRO I 171 3.71 -21.52 -8.04
C PRO I 171 3.49 -20.32 -7.15
N VAL I 172 2.84 -20.54 -6.01
CA VAL I 172 2.61 -19.36 -5.14
C VAL I 172 3.97 -19.13 -4.46
N CYS I 173 4.60 -20.24 -3.98
CA CYS I 173 5.90 -20.14 -3.34
C CYS I 173 6.90 -19.39 -4.24
N LYS I 174 7.00 -19.84 -5.43
CA LYS I 174 7.82 -19.42 -6.52
C LYS I 174 7.64 -17.96 -6.89
N ALA I 175 6.46 -17.44 -6.88
CA ALA I 175 6.16 -16.07 -7.23
C ALA I 175 6.32 -15.10 -6.11
N SER I 176 6.64 -15.53 -4.90
CA SER I 176 6.80 -14.62 -3.75
C SER I 176 8.23 -14.13 -3.53
N THR I 177 9.15 -14.60 -4.36
CA THR I 177 10.57 -14.28 -4.27
C THR I 177 11.27 -14.28 -5.59
N ARG I 178 12.38 -13.58 -5.62
CA ARG I 178 13.22 -13.47 -6.84
C ARG I 178 14.33 -14.51 -6.79
N ILE I 179 14.52 -15.09 -5.60
CA ILE I 179 15.51 -16.13 -5.43
C ILE I 179 14.95 -17.34 -6.26
N ARG I 180 15.86 -18.06 -6.85
CA ARG I 180 15.68 -19.24 -7.63
C ARG I 180 15.42 -20.47 -6.74
N ILE I 181 14.19 -20.73 -6.50
CA ILE I 181 13.62 -21.85 -5.67
C ILE I 181 13.93 -23.12 -6.39
N THR I 182 14.12 -24.25 -5.70
CA THR I 182 14.41 -25.56 -6.28
C THR I 182 13.41 -26.56 -5.66
N ASP I 183 13.32 -27.74 -6.22
CA ASP I 183 12.51 -28.85 -5.82
C ASP I 183 12.95 -29.38 -4.42
N ASN I 184 14.17 -28.96 -4.05
CA ASN I 184 14.67 -29.42 -2.73
C ASN I 184 14.18 -28.50 -1.64
N MET I 185 13.22 -27.68 -1.87
CA MET I 185 12.70 -26.75 -0.79
C MET I 185 11.21 -26.56 -1.03
N PHE I 186 10.44 -26.19 -0.09
CA PHE I 186 8.98 -25.99 -0.23
C PHE I 186 8.74 -24.80 0.68
N CYS I 187 7.60 -24.15 0.59
CA CYS I 187 7.42 -22.95 1.49
C CYS I 187 6.11 -23.21 2.19
N ALA I 188 5.86 -22.46 3.26
CA ALA I 188 4.65 -22.62 4.05
C ALA I 188 4.39 -21.39 4.86
N GLY I 189 3.16 -21.12 5.11
CA GLY I 189 2.67 -19.97 5.91
C GLY I 189 1.26 -19.60 5.38
N TYR I 190 0.68 -18.64 6.04
CA TYR I 190 -0.57 -18.04 5.69
C TYR I 190 -0.38 -16.89 4.68
N LYS I 191 -1.34 -16.71 3.82
CA LYS I 191 -1.49 -15.72 2.76
C LYS I 191 -2.05 -14.46 3.33
N PRO I 192 -1.88 -13.32 2.66
CA PRO I 192 -2.39 -12.03 3.14
C PRO I 192 -3.87 -12.10 3.35
N GLY I 193 -4.64 -12.68 2.45
CA GLY I 193 -6.09 -12.80 2.66
C GLY I 193 -6.47 -13.55 3.94
N GLU I 194 -5.75 -14.61 4.31
CA GLU I 194 -6.07 -15.47 5.45
C GLU I 194 -6.31 -15.06 6.85
N GLY I 195 -6.05 -13.91 7.42
CA GLY I 195 -6.43 -13.72 8.84
C GLY I 195 -5.76 -14.50 9.89
N LYS I 196 -4.67 -15.19 9.62
CA LYS I 196 -3.88 -15.93 10.62
C LYS I 196 -2.41 -15.59 10.27
N ARG I 197 -1.59 -15.44 11.29
CA ARG I 197 -0.17 -15.12 11.09
C ARG I 197 0.69 -16.25 11.70
N GLY I 198 1.98 -16.18 11.52
CA GLY I 198 2.97 -17.08 11.98
C GLY I 198 4.11 -17.44 11.09
N ASP I 199 5.25 -17.67 11.74
CA ASP I 199 6.47 -18.03 11.02
C ASP I 199 7.64 -18.33 11.95
N ALA I 200 8.63 -18.96 11.38
CA ALA I 200 9.92 -19.29 11.93
C ALA I 200 10.71 -17.97 11.83
N CYS I 201 11.76 -17.84 12.61
CA CYS I 201 12.55 -16.57 12.54
C CYS I 201 14.00 -16.94 12.80
N GLU I 202 14.85 -15.93 12.97
CA GLU I 202 16.31 -16.25 13.16
C GLU I 202 16.46 -17.03 14.44
N GLY I 203 17.16 -18.11 14.40
CA GLY I 203 17.47 -19.00 15.45
C GLY I 203 16.62 -20.25 15.54
N ASP I 204 15.77 -20.53 14.60
CA ASP I 204 14.88 -21.69 14.53
C ASP I 204 15.45 -22.66 13.49
N SER I 205 16.31 -22.03 12.68
CA SER I 205 16.96 -22.81 11.59
C SER I 205 17.49 -24.08 12.22
N GLY I 206 17.36 -25.17 11.52
CA GLY I 206 17.70 -26.49 11.88
C GLY I 206 16.49 -27.27 12.43
N GLY I 207 15.63 -26.57 13.14
CA GLY I 207 14.43 -27.16 13.74
C GLY I 207 13.61 -27.92 12.69
N PRO I 208 12.82 -28.87 13.19
CA PRO I 208 11.97 -29.71 12.33
C PRO I 208 10.65 -29.08 11.90
N PHE I 209 10.12 -29.59 10.82
CA PHE I 209 8.81 -29.22 10.24
C PHE I 209 8.16 -30.64 10.08
N VAL I 210 7.28 -30.85 11.07
CA VAL I 210 6.60 -32.19 11.12
C VAL I 210 5.10 -32.16 10.90
N MET I 211 4.66 -33.29 10.38
CA MET I 211 3.27 -33.60 10.03
C MET I 211 2.84 -34.93 10.66
N LYS I 212 1.70 -34.93 11.30
CA LYS I 212 1.21 -36.20 11.93
C LYS I 212 0.32 -36.96 10.97
N SER I 213 0.79 -38.02 10.39
CA SER I 213 0.11 -38.87 9.43
C SER I 213 -1.14 -39.56 9.93
N PRO I 214 -2.24 -39.35 9.21
CA PRO I 214 -3.53 -39.94 9.56
C PRO I 214 -3.74 -41.35 9.06
N TYR I 215 -2.74 -42.15 9.23
CA TYR I 215 -2.70 -43.57 8.85
C TYR I 215 -2.18 -44.21 10.15
N ASN I 216 -0.89 -44.10 10.34
CA ASN I 216 -0.23 -44.62 11.57
C ASN I 216 0.10 -43.40 12.40
N ASN I 217 -0.77 -43.05 13.30
CA ASN I 217 -0.72 -41.93 14.21
C ASN I 217 0.64 -41.36 14.62
N ARG I 218 1.61 -41.40 13.75
CA ARG I 218 2.97 -40.96 13.88
C ARG I 218 3.27 -39.60 13.19
N TRP I 219 4.34 -39.02 13.74
CA TRP I 219 4.90 -37.74 13.37
C TRP I 219 6.09 -37.91 12.45
N TYR I 220 6.02 -37.31 11.28
CA TYR I 220 7.14 -37.39 10.31
C TYR I 220 7.79 -35.98 10.19
N GLN I 221 9.03 -36.04 9.74
CA GLN I 221 9.82 -34.78 9.55
C GLN I 221 9.69 -34.53 8.04
N MET I 222 8.85 -33.57 7.71
CA MET I 222 8.69 -33.24 6.28
C MET I 222 9.75 -32.19 5.89
N GLY I 223 10.16 -31.33 6.84
CA GLY I 223 11.16 -30.33 6.48
C GLY I 223 12.06 -29.74 7.52
N ILE I 224 13.01 -28.90 7.07
CA ILE I 224 14.00 -28.26 7.95
C ILE I 224 13.94 -26.77 7.78
N VAL I 225 13.84 -26.02 8.86
CA VAL I 225 13.81 -24.57 8.80
C VAL I 225 15.12 -24.06 8.19
N SER I 226 14.94 -23.50 6.97
CA SER I 226 16.11 -22.97 6.26
C SER I 226 16.25 -21.48 6.14
N TRP I 227 15.36 -20.81 5.40
CA TRP I 227 15.42 -19.34 5.21
C TRP I 227 14.11 -18.69 4.86
N GLY I 228 14.13 -17.40 4.59
CA GLY I 228 12.94 -16.58 4.23
C GLY I 228 13.41 -15.15 4.06
N GLU I 229 12.50 -14.19 3.88
CA GLU I 229 12.94 -12.75 3.75
C GLU I 229 12.25 -12.04 4.89
N GLY I 230 12.93 -11.80 5.97
CA GLY I 230 12.39 -11.21 7.18
C GLY I 230 11.74 -12.47 7.93
N CYS I 231 10.71 -12.14 8.67
CA CYS I 231 9.95 -13.09 9.43
C CYS I 231 8.48 -12.65 9.37
N ASP I 232 7.59 -13.60 9.25
CA ASP I 232 6.16 -13.25 9.25
C ASP I 232 5.78 -12.05 8.41
N ARG I 233 6.22 -11.96 7.18
CA ARG I 233 5.82 -10.82 6.32
C ARG I 233 4.71 -11.29 5.37
N ASP I 234 3.80 -10.36 5.13
CA ASP I 234 2.66 -10.59 4.21
C ASP I 234 3.30 -10.82 2.82
N GLY I 235 2.80 -11.80 2.12
CA GLY I 235 3.30 -12.10 0.80
C GLY I 235 4.59 -12.87 0.73
N LYS I 236 5.19 -13.17 1.85
CA LYS I 236 6.44 -13.92 2.01
C LYS I 236 6.15 -15.18 2.79
N TYR I 237 6.83 -16.22 2.47
CA TYR I 237 6.79 -17.52 3.05
C TYR I 237 8.12 -18.03 3.57
N GLY I 238 8.08 -18.89 4.60
CA GLY I 238 9.30 -19.46 5.14
C GLY I 238 9.71 -20.62 4.24
N PHE I 239 10.97 -20.87 4.09
CA PHE I 239 11.46 -21.96 3.22
C PHE I 239 12.09 -23.03 4.16
N TYR I 240 11.94 -24.24 3.72
CA TYR I 240 12.30 -25.46 4.41
C TYR I 240 12.89 -26.51 3.52
N THR I 241 14.01 -27.13 3.94
CA THR I 241 14.63 -28.18 3.10
C THR I 241 13.61 -29.35 3.01
N HIS I 242 13.48 -29.92 1.89
CA HIS I 242 12.61 -31.02 1.54
C HIS I 242 13.28 -32.33 1.93
N VAL I 243 13.04 -32.72 3.19
CA VAL I 243 13.64 -33.93 3.73
C VAL I 243 13.45 -35.13 2.82
N PHE I 244 12.21 -35.34 2.39
CA PHE I 244 11.95 -36.48 1.50
C PHE I 244 12.81 -36.42 0.26
N ARG I 245 13.12 -35.25 -0.26
CA ARG I 245 13.90 -35.22 -1.54
C ARG I 245 15.34 -35.62 -1.31
N LEU I 246 15.77 -35.43 -0.07
CA LEU I 246 17.17 -35.74 0.30
C LEU I 246 17.40 -37.02 0.99
N LYS I 247 16.40 -37.82 1.28
CA LYS I 247 16.41 -39.11 1.95
C LYS I 247 17.48 -40.09 1.45
N LYS I 248 17.62 -40.28 0.18
CA LYS I 248 18.61 -41.18 -0.41
C LYS I 248 20.01 -40.71 -0.06
N TRP I 249 20.13 -39.46 0.37
CA TRP I 249 21.49 -38.97 0.74
C TRP I 249 21.63 -39.30 2.24
N ILE I 250 20.49 -39.12 2.89
CA ILE I 250 20.41 -39.42 4.35
C ILE I 250 20.83 -40.87 4.51
N GLN I 251 20.16 -41.71 3.76
CA GLN I 251 20.36 -43.15 3.72
C GLN I 251 21.80 -43.52 3.45
N LYS I 252 22.36 -43.02 2.38
CA LYS I 252 23.72 -43.27 1.97
C LYS I 252 24.79 -42.78 2.90
N VAL I 253 24.58 -41.90 3.86
CA VAL I 253 25.68 -41.50 4.75
C VAL I 253 25.55 -42.32 6.06
N ILE I 254 24.35 -42.82 6.27
CA ILE I 254 24.01 -43.61 7.44
C ILE I 254 24.26 -45.10 7.22
N ASP I 255 24.23 -45.55 5.98
CA ASP I 255 24.44 -46.97 5.65
C ASP I 255 25.88 -47.16 5.15
N ARG I 256 26.01 -47.13 3.84
CA ARG I 256 27.30 -47.34 3.17
C ARG I 256 27.44 -46.58 1.85
N LEU I 257 26.33 -46.51 1.13
CA LEU I 257 26.23 -45.85 -0.17
C LEU I 257 24.93 -46.24 -0.87
N GLY I 258 23.85 -45.52 -0.55
CA GLY I 258 22.55 -45.78 -1.16
C GLY I 258 21.35 -45.51 -0.29
N SER I 259 20.35 -46.37 -0.51
CA SER I 259 19.06 -46.32 0.20
C SER I 259 18.53 -47.75 0.38
C ACE J 1 22.74 -14.94 -7.64
O ACE J 1 23.34 -16.01 -7.37
CH3 ACE J 1 21.96 -14.88 -8.92
N ASP J 2 22.17 -14.30 -6.60
CA ASP J 2 22.92 -14.23 -5.33
C ASP J 2 21.88 -13.93 -4.26
N PHE J 3 21.88 -14.83 -3.32
CA PHE J 3 20.94 -14.82 -2.19
C PHE J 3 20.96 -13.56 -1.39
N LEU J 4 22.09 -13.12 -0.98
CA LEU J 4 22.20 -11.90 -0.11
C LEU J 4 21.77 -10.67 -0.88
N ALA J 5 22.09 -10.59 -2.12
CA ALA J 5 21.77 -9.51 -3.06
C ALA J 5 20.29 -9.47 -3.33
N GLU J 6 19.69 -10.65 -3.36
CA GLU J 6 18.26 -10.79 -3.66
C GLU J 6 17.33 -10.63 -2.48
N GLY J 7 17.82 -10.45 -1.28
CA GLY J 7 17.14 -10.27 -0.04
C GLY J 7 17.04 -11.53 0.86
N GLY J 8 17.68 -12.63 0.57
CA GLY J 8 17.58 -13.84 1.41
C GLY J 8 18.21 -13.67 2.77
N GLY J 9 17.64 -14.23 3.83
CA GLY J 9 18.08 -14.17 5.19
C GLY J 9 17.98 -15.52 5.89
N VAL J 10 19.15 -16.10 6.14
CA VAL J 10 19.21 -17.44 6.76
C VAL J 10 18.72 -17.37 8.19
N ARG J 11 18.07 -18.45 8.63
CA ARG J 11 17.56 -18.44 10.01
C ARG J 11 18.43 -19.23 10.96
#